data_2WWJ
#
_entry.id   2WWJ
#
_cell.length_a   101.330
_cell.length_b   148.970
_cell.length_c   57.110
_cell.angle_alpha   90.00
_cell.angle_beta   90.00
_cell.angle_gamma   90.00
#
_symmetry.space_group_name_H-M   'P 21 21 2'
#
loop_
_entity.id
_entity.type
_entity.pdbx_description
1 polymer 'LYSINE-SPECIFIC DEMETHYLASE 4A'
2 non-polymer 'NICKEL (II) ION'
3 non-polymer 'ZINC ION'
4 non-polymer O-benzyl-N-(carboxycarbonyl)-D-tyrosine
5 water water
#
_entity_poly.entity_id   1
_entity_poly.type   'polypeptide(L)'
_entity_poly.pdbx_seq_one_letter_code
;TLNPSARIMTFYPTMEEFRNFSRYIAYIESQGAHRAGLAKVVPPKEWKPRASYDDIDDLVIPAPIQQLVTGQSGLFTQYN
IQKKAMTVREFRKIANSDKYCTPRYSEFEELERKYWKNLTFNPPIYGADVNGTLYEKHVDEWNIGRLRTILDLVEKESGI
TIEGVNTPYLYFGMWKTSFAWHTEDMDLYSINYLHFGEPKSWYSVPPEHGKRLERLAKGFFPGSAQSCEAFLRHKMTLIS
PLMLKKYGIPFDKVTQEAGEFMITFPYGYHAGFNHGFNCAESTNFATRRWIEYGKQAVLCSCRKDMVKISMDVFVRKFQP
ERYKLWKAGKDNTVIDHTLPTPEAAEFT
;
_entity_poly.pdbx_strand_id   A,B
#
loop_
_chem_comp.id
_chem_comp.type
_chem_comp.name
_chem_comp.formula
NI non-polymer 'NICKEL (II) ION' 'Ni 2'
ZN non-polymer 'ZINC ION' 'Zn 2'
#
# COMPACT_ATOMS: atom_id res chain seq x y z
N LEU A 2 15.15 14.44 -3.65
CA LEU A 2 15.01 14.69 -2.17
C LEU A 2 14.37 13.48 -1.40
N ASN A 3 15.18 12.45 -1.13
CA ASN A 3 14.68 11.15 -0.64
C ASN A 3 13.44 10.62 -1.40
N PRO A 4 13.56 10.47 -2.73
CA PRO A 4 12.32 10.23 -3.46
C PRO A 4 11.76 8.83 -3.19
N SER A 5 12.62 7.91 -2.74
CA SER A 5 12.11 6.56 -2.44
C SER A 5 11.63 6.43 -0.99
N ALA A 6 11.81 7.51 -0.22
CA ALA A 6 11.26 7.57 1.11
C ALA A 6 11.96 6.61 2.05
N ARG A 7 13.24 6.33 1.81
CA ARG A 7 13.98 5.40 2.65
C ARG A 7 14.27 5.97 4.02
N ILE A 8 14.44 5.10 5.01
CA ILE A 8 14.87 5.55 6.33
C ILE A 8 16.36 5.94 6.36
N MET A 9 16.67 7.14 6.85
CA MET A 9 18.02 7.67 6.74
C MET A 9 18.77 7.69 8.04
N THR A 10 20.11 7.66 7.98
CA THR A 10 20.93 7.75 9.19
C THR A 10 21.90 8.91 9.10
N PHE A 11 22.12 9.57 10.25
CA PHE A 11 22.98 10.74 10.30
C PHE A 11 23.95 10.66 11.47
N TYR A 12 25.17 11.10 11.21
CA TYR A 12 26.18 11.23 12.25
C TYR A 12 26.66 12.66 12.31
N PRO A 13 25.91 13.50 13.02
CA PRO A 13 26.24 14.88 13.22
C PRO A 13 27.48 15.06 14.12
N THR A 14 28.43 15.86 13.69
CA THR A 14 29.55 16.22 14.56
C THR A 14 29.05 16.96 15.76
N MET A 15 29.88 17.05 16.79
CA MET A 15 29.47 17.50 18.10
C MET A 15 28.86 18.86 18.02
N GLU A 16 29.17 19.58 16.95
CA GLU A 16 28.69 20.94 16.83
C GLU A 16 27.49 21.08 15.95
N GLU A 17 27.36 20.21 14.96
CA GLU A 17 26.11 20.13 14.23
C GLU A 17 25.04 19.76 15.26
N PHE A 18 25.46 19.05 16.29
CA PHE A 18 24.59 18.42 17.28
C PHE A 18 23.97 19.42 18.26
N ARG A 19 24.81 20.32 18.79
CA ARG A 19 24.43 21.14 19.91
C ARG A 19 23.08 21.82 19.78
N ASN A 20 22.69 22.22 18.60
CA ASN A 20 21.44 22.93 18.49
C ASN A 20 20.35 22.08 17.84
N PHE A 21 19.43 21.60 18.68
CA PHE A 21 18.49 20.53 18.32
C PHE A 21 17.49 20.92 17.20
N SER A 22 16.66 21.91 17.45
CA SER A 22 15.77 22.40 16.39
C SER A 22 16.44 22.59 15.04
N ARG A 23 17.70 23.02 15.02
CA ARG A 23 18.37 23.23 13.73
C ARG A 23 18.89 21.93 13.15
N TYR A 24 19.20 20.97 13.99
CA TYR A 24 19.57 19.71 13.36
C TYR A 24 18.35 19.03 12.74
N ILE A 25 17.17 19.18 13.35
CA ILE A 25 15.97 18.61 12.74
C ILE A 25 15.68 19.28 11.41
N ALA A 26 15.71 20.59 11.36
CA ALA A 26 15.51 21.30 10.08
C ALA A 26 16.53 20.87 9.02
N TYR A 27 17.78 20.65 9.46
CA TYR A 27 18.78 20.10 8.57
C TYR A 27 18.39 18.76 7.92
N ILE A 28 18.06 17.76 8.74
CA ILE A 28 17.68 16.46 8.20
C ILE A 28 16.41 16.51 7.33
N GLU A 29 15.46 17.36 7.69
CA GLU A 29 14.36 17.62 6.77
C GLU A 29 14.83 18.23 5.42
N SER A 30 15.80 19.14 5.44
CA SER A 30 16.29 19.68 4.14
C SER A 30 16.94 18.56 3.31
N GLN A 31 17.42 17.53 4.00
CA GLN A 31 17.98 16.34 3.36
C GLN A 31 16.98 15.22 3.02
N GLY A 32 15.68 15.44 3.18
CA GLY A 32 14.68 14.42 2.82
C GLY A 32 14.21 13.38 3.86
N ALA A 33 14.83 13.37 5.03
CA ALA A 33 14.53 12.39 6.08
C ALA A 33 13.03 12.24 6.43
N HIS A 34 12.30 13.33 6.62
CA HIS A 34 10.89 13.21 7.08
C HIS A 34 10.06 12.33 6.21
N ARG A 35 10.45 12.09 4.97
CA ARG A 35 9.56 11.39 4.06
C ARG A 35 9.40 9.94 4.38
N ALA A 36 10.39 9.39 5.08
CA ALA A 36 10.32 8.01 5.57
C ALA A 36 9.43 7.89 6.85
N GLY A 37 9.18 9.03 7.53
CA GLY A 37 8.43 9.01 8.79
C GLY A 37 9.26 8.77 10.05
N LEU A 38 10.47 8.26 9.85
CA LEU A 38 11.33 7.83 10.91
C LEU A 38 12.78 7.99 10.48
N ALA A 39 13.65 8.48 11.37
CA ALA A 39 15.07 8.58 11.02
C ALA A 39 15.97 8.26 12.21
N LYS A 40 17.21 7.87 11.94
CA LYS A 40 18.12 7.59 13.04
C LYS A 40 19.24 8.62 13.10
N VAL A 41 19.58 9.05 14.31
CA VAL A 41 20.70 9.94 14.48
C VAL A 41 21.65 9.31 15.46
N VAL A 42 22.86 8.99 14.98
CA VAL A 42 23.94 8.49 15.86
C VAL A 42 24.71 9.68 16.45
N PRO A 43 24.66 9.83 17.77
CA PRO A 43 25.26 11.03 18.34
C PRO A 43 26.76 10.95 18.21
N PRO A 44 27.46 12.06 18.40
CA PRO A 44 28.90 11.91 18.16
C PRO A 44 29.56 11.22 19.33
N LYS A 45 30.49 10.33 19.04
CA LYS A 45 30.97 9.34 19.99
C LYS A 45 31.32 9.89 21.41
N GLU A 46 31.65 11.17 21.53
CA GLU A 46 32.01 11.70 22.85
C GLU A 46 30.83 12.37 23.55
N TRP A 47 29.64 12.26 22.96
CA TRP A 47 28.45 12.76 23.65
C TRP A 47 27.93 11.68 24.58
N LYS A 48 27.42 12.10 25.72
CA LYS A 48 26.95 11.16 26.71
C LYS A 48 25.99 11.83 27.72
N PRO A 49 24.84 11.20 27.98
CA PRO A 49 23.72 11.76 28.75
C PRO A 49 23.78 11.42 30.21
N ARG A 50 24.58 10.42 30.50
CA ARG A 50 24.69 9.89 31.85
C ARG A 50 26.02 9.17 31.98
N ALA A 51 26.68 9.36 33.13
CA ALA A 51 27.96 8.72 33.39
C ALA A 51 27.80 7.20 33.59
N SER A 52 26.88 6.78 34.49
CA SER A 52 26.56 5.33 34.63
C SER A 52 25.12 4.97 35.06
N TYR A 53 24.74 3.74 34.75
CA TYR A 53 23.40 3.26 35.01
C TYR A 53 23.38 2.26 36.18
N ASP A 54 24.51 2.17 36.88
CA ASP A 54 24.67 1.29 38.04
C ASP A 54 23.67 1.59 39.15
N ASP A 55 23.12 2.79 39.15
CA ASP A 55 22.44 3.31 40.32
C ASP A 55 20.93 3.31 40.27
N ILE A 56 20.34 2.68 39.27
CA ILE A 56 18.91 2.82 39.12
C ILE A 56 18.13 1.60 39.57
N ASP A 57 18.85 0.56 40.00
CA ASP A 57 18.16 -0.67 40.36
C ASP A 57 16.97 -0.43 41.28
N ASP A 58 17.00 0.68 42.01
CA ASP A 58 15.97 0.98 42.97
C ASP A 58 14.80 1.78 42.39
N LEU A 59 14.93 2.33 41.19
CA LEU A 59 13.84 3.13 40.61
C LEU A 59 12.51 2.38 40.42
N VAL A 60 11.41 3.03 40.80
CA VAL A 60 10.07 2.41 40.73
C VAL A 60 9.38 2.52 39.35
N ILE A 61 8.77 1.42 38.92
CA ILE A 61 7.97 1.37 37.70
C ILE A 61 6.56 1.21 38.19
N PRO A 62 5.87 2.32 38.45
CA PRO A 62 4.54 2.30 39.12
C PRO A 62 3.46 1.42 38.50
N ALA A 63 3.48 1.20 37.18
CA ALA A 63 2.36 0.59 36.48
C ALA A 63 2.79 -0.29 35.33
N PRO A 64 3.53 -1.35 35.63
CA PRO A 64 3.87 -2.16 34.46
C PRO A 64 2.62 -2.80 33.83
N ILE A 65 2.75 -3.22 32.58
CA ILE A 65 1.60 -3.78 31.91
C ILE A 65 1.96 -5.10 31.29
N GLN A 66 1.10 -6.10 31.42
CA GLN A 66 1.33 -7.34 30.70
C GLN A 66 0.54 -7.29 29.41
N GLN A 67 1.20 -7.66 28.34
CA GLN A 67 0.64 -7.45 27.02
C GLN A 67 0.05 -8.75 26.54
N LEU A 68 -1.26 -8.86 26.59
CA LEU A 68 -1.91 -9.96 25.89
C LEU A 68 -2.28 -9.67 24.42
N VAL A 69 -1.82 -10.55 23.54
CA VAL A 69 -2.00 -10.36 22.14
C VAL A 69 -2.91 -11.45 21.59
N THR A 70 -3.94 -11.04 20.85
CA THR A 70 -4.88 -11.94 20.21
C THR A 70 -5.06 -11.69 18.68
N GLY A 71 -5.01 -12.76 17.89
CA GLY A 71 -5.05 -12.64 16.42
C GLY A 71 -4.33 -13.73 15.67
N GLN A 72 -4.36 -13.67 14.35
CA GLN A 72 -3.76 -14.71 13.47
C GLN A 72 -3.56 -14.11 12.06
N SER A 73 -2.80 -14.76 11.18
CA SER A 73 -2.66 -14.18 9.82
C SER A 73 -2.07 -12.77 9.79
N GLY A 74 -1.17 -12.44 10.70
CA GLY A 74 -0.56 -11.10 10.74
C GLY A 74 -1.45 -9.96 11.15
N LEU A 75 -2.65 -10.22 11.66
CA LEU A 75 -3.43 -9.14 12.24
C LEU A 75 -3.72 -9.37 13.76
N PHE A 76 -3.38 -8.43 14.62
CA PHE A 76 -3.50 -8.70 16.04
C PHE A 76 -4.02 -7.54 16.79
N THR A 77 -4.64 -7.83 17.93
CA THR A 77 -4.98 -6.81 18.90
C THR A 77 -4.32 -7.11 20.23
N GLN A 78 -3.75 -6.07 20.83
CA GLN A 78 -3.02 -6.22 22.09
C GLN A 78 -3.84 -5.71 23.26
N TYR A 79 -3.94 -6.47 24.36
CA TYR A 79 -4.71 -5.94 25.51
C TYR A 79 -3.71 -5.75 26.62
N ASN A 80 -3.87 -4.68 27.38
CA ASN A 80 -2.93 -4.36 28.45
C ASN A 80 -3.41 -4.82 29.83
N ILE A 81 -2.68 -5.71 30.49
CA ILE A 81 -3.03 -6.01 31.88
C ILE A 81 -2.12 -5.14 32.74
N GLN A 82 -2.71 -4.28 33.56
CA GLN A 82 -1.88 -3.56 34.50
C GLN A 82 -1.55 -4.40 35.72
N LYS A 83 -0.24 -4.56 35.93
CA LYS A 83 0.37 -5.30 37.00
C LYS A 83 0.82 -4.41 38.16
N LYS A 84 1.31 -5.06 39.21
CA LYS A 84 1.78 -4.41 40.43
C LYS A 84 3.08 -3.71 40.21
N ALA A 85 3.27 -2.63 40.98
CA ALA A 85 4.45 -1.82 40.89
C ALA A 85 5.67 -2.71 41.13
N MET A 86 6.79 -2.27 40.59
CA MET A 86 7.98 -3.05 40.70
C MET A 86 9.20 -2.17 40.37
N THR A 87 10.35 -2.53 40.92
CA THR A 87 11.55 -1.74 40.78
C THR A 87 12.25 -2.24 39.57
N VAL A 88 13.28 -1.54 39.13
CA VAL A 88 13.98 -1.95 37.92
C VAL A 88 14.66 -3.30 38.11
N ARG A 89 15.31 -3.50 39.24
CA ARG A 89 16.04 -4.74 39.42
C ARG A 89 15.09 -5.96 39.34
N GLU A 90 13.87 -5.84 39.88
CA GLU A 90 12.87 -6.91 39.71
C GLU A 90 12.56 -7.11 38.25
N PHE A 91 12.24 -6.00 37.56
CA PHE A 91 11.96 -6.08 36.15
C PHE A 91 13.11 -6.74 35.45
N ARG A 92 14.33 -6.35 35.77
CA ARG A 92 15.43 -7.00 35.10
C ARG A 92 15.46 -8.52 35.36
N LYS A 93 15.14 -8.94 36.59
CA LYS A 93 15.23 -10.38 36.91
C LYS A 93 14.29 -11.15 36.02
N ILE A 94 13.07 -10.64 35.93
CA ILE A 94 12.09 -11.27 35.08
C ILE A 94 12.53 -11.21 33.62
N ALA A 95 12.99 -10.06 33.14
CA ALA A 95 13.44 -9.96 31.74
C ALA A 95 14.48 -11.03 31.40
N ASN A 96 15.39 -11.31 32.33
CA ASN A 96 16.54 -12.15 32.05
C ASN A 96 16.33 -13.59 32.46
N SER A 97 15.27 -13.85 33.21
CA SER A 97 14.82 -15.20 33.53
C SER A 97 14.64 -16.00 32.26
N ASP A 98 14.86 -17.31 32.37
CA ASP A 98 14.74 -18.24 31.26
C ASP A 98 13.35 -18.13 30.68
N LYS A 99 12.40 -17.72 31.51
CA LYS A 99 11.04 -17.67 31.05
C LYS A 99 10.89 -16.59 29.97
N TYR A 100 11.54 -15.47 30.18
CA TYR A 100 11.17 -14.32 29.40
C TYR A 100 12.20 -13.83 28.45
N CYS A 101 13.32 -14.52 28.31
CA CYS A 101 14.42 -13.88 27.64
C CYS A 101 14.55 -14.22 26.18
N THR A 102 15.44 -13.47 25.53
CA THR A 102 15.59 -13.50 24.10
C THR A 102 15.98 -14.87 23.63
N PRO A 103 15.19 -15.46 22.75
CA PRO A 103 15.62 -16.71 22.15
C PRO A 103 16.93 -16.53 21.41
N ARG A 104 17.61 -17.63 21.09
CA ARG A 104 18.88 -17.61 20.38
C ARG A 104 18.68 -17.51 18.87
N TYR A 105 19.61 -16.81 18.19
CA TYR A 105 19.39 -16.41 16.79
C TYR A 105 20.66 -16.01 16.04
N SER A 106 20.65 -16.25 14.73
CA SER A 106 21.70 -15.81 13.78
C SER A 106 21.52 -14.37 13.37
N GLU A 107 20.82 -14.17 12.24
CA GLU A 107 20.52 -12.85 11.67
C GLU A 107 19.23 -12.21 12.22
N PHE A 108 19.14 -10.89 12.12
CA PHE A 108 17.96 -10.20 12.63
C PHE A 108 16.71 -10.82 12.02
N GLU A 109 16.81 -11.21 10.76
CA GLU A 109 15.63 -11.66 10.10
C GLU A 109 15.05 -12.85 10.82
N GLU A 110 15.91 -13.54 11.54
CA GLU A 110 15.49 -14.74 12.26
C GLU A 110 14.74 -14.38 13.52
N LEU A 111 15.29 -13.44 14.29
CA LEU A 111 14.60 -12.97 15.50
C LEU A 111 13.26 -12.34 15.12
N GLU A 112 13.22 -11.72 13.94
CA GLU A 112 12.02 -11.04 13.47
C GLU A 112 10.93 -12.06 13.24
N ARG A 113 11.27 -13.14 12.53
CA ARG A 113 10.35 -14.31 12.37
C ARG A 113 9.82 -14.93 13.66
N LYS A 114 10.67 -15.10 14.67
CA LYS A 114 10.19 -15.69 15.93
C LYS A 114 9.27 -14.72 16.69
N TYR A 115 9.50 -13.42 16.55
CA TYR A 115 8.62 -12.46 17.18
C TYR A 115 7.22 -12.62 16.59
N TRP A 116 7.16 -12.62 15.25
CA TRP A 116 5.86 -12.70 14.57
C TRP A 116 5.18 -14.04 14.77
N LYS A 117 5.94 -15.08 15.11
CA LYS A 117 5.35 -16.37 15.22
C LYS A 117 4.88 -16.60 16.67
N ASN A 118 5.50 -15.87 17.58
CA ASN A 118 5.38 -16.14 18.99
C ASN A 118 4.73 -15.01 19.77
N LEU A 119 4.23 -13.99 19.09
CA LEU A 119 3.90 -12.82 19.87
C LEU A 119 2.58 -13.01 20.61
N THR A 120 1.83 -14.04 20.28
CA THR A 120 0.66 -14.30 21.09
C THR A 120 0.97 -15.25 22.25
N PHE A 121 2.19 -15.80 22.35
CA PHE A 121 2.44 -16.79 23.41
C PHE A 121 3.20 -16.18 24.55
N ASN A 122 2.93 -16.65 25.76
CA ASN A 122 3.79 -16.27 26.85
C ASN A 122 3.90 -14.74 26.95
N PRO A 123 2.79 -14.08 27.26
CA PRO A 123 2.72 -12.63 27.27
C PRO A 123 3.73 -11.96 28.18
N PRO A 124 4.44 -10.95 27.67
CA PRO A 124 5.53 -10.37 28.48
C PRO A 124 5.06 -9.15 29.23
N ILE A 125 5.96 -8.46 29.90
CA ILE A 125 5.57 -7.29 30.69
C ILE A 125 6.45 -6.12 30.25
N TYR A 126 5.83 -4.98 29.95
CA TYR A 126 6.56 -3.80 29.43
C TYR A 126 6.52 -2.75 30.52
N GLY A 127 7.68 -2.24 30.91
CA GLY A 127 7.72 -1.20 31.94
C GLY A 127 7.45 0.15 31.30
N ALA A 128 6.22 0.32 30.87
CA ALA A 128 5.89 1.36 29.92
C ALA A 128 5.57 2.67 30.61
N ASP A 129 5.77 3.78 29.94
CA ASP A 129 5.18 5.04 30.43
C ASP A 129 5.60 5.51 31.81
N VAL A 130 6.90 5.42 32.11
CA VAL A 130 7.38 5.85 33.40
C VAL A 130 7.81 7.34 33.37
N ASN A 131 7.21 8.13 34.25
CA ASN A 131 7.50 9.54 34.32
C ASN A 131 8.90 9.75 34.86
N GLY A 132 9.80 10.28 34.05
CA GLY A 132 11.11 10.61 34.56
C GLY A 132 12.09 10.61 33.43
N THR A 133 13.36 10.84 33.74
CA THR A 133 14.38 10.99 32.70
C THR A 133 15.67 10.41 33.23
N LEU A 134 16.53 9.92 32.35
CA LEU A 134 17.83 9.48 32.81
C LEU A 134 18.99 10.47 32.47
N TYR A 135 18.65 11.67 32.04
CA TYR A 135 19.69 12.61 31.64
C TYR A 135 20.32 13.25 32.88
N GLU A 136 21.66 13.26 32.95
CA GLU A 136 22.33 14.06 33.98
C GLU A 136 21.79 15.48 33.82
N LYS A 137 21.65 16.23 34.90
CA LYS A 137 20.91 17.52 34.86
C LYS A 137 21.67 18.65 34.19
N HIS A 138 22.92 18.39 33.85
CA HIS A 138 23.76 19.42 33.28
C HIS A 138 24.02 19.20 31.79
N VAL A 139 23.56 18.06 31.24
CA VAL A 139 23.73 17.78 29.81
C VAL A 139 22.87 18.71 28.92
N ASP A 140 23.47 19.40 27.99
CA ASP A 140 22.71 20.40 27.25
C ASP A 140 22.23 20.02 25.85
N GLU A 141 22.90 19.07 25.19
CA GLU A 141 22.49 18.68 23.83
C GLU A 141 21.52 17.51 23.85
N TRP A 142 20.36 17.73 23.25
CA TRP A 142 19.39 16.69 23.03
C TRP A 142 18.88 16.14 24.34
N ASN A 143 18.69 16.99 25.31
CA ASN A 143 18.14 16.54 26.56
C ASN A 143 16.65 16.48 26.38
N ILE A 144 16.12 15.26 26.41
CA ILE A 144 14.70 15.02 26.22
C ILE A 144 13.88 15.76 27.28
N GLY A 145 14.55 16.24 28.31
CA GLY A 145 13.86 16.98 29.35
C GLY A 145 13.55 18.39 28.90
N ARG A 146 14.29 18.87 27.91
CA ARG A 146 14.23 20.27 27.49
C ARG A 146 14.86 20.49 26.10
N LEU A 147 14.20 19.96 25.07
CA LEU A 147 14.58 20.15 23.69
C LEU A 147 14.43 21.62 23.26
N ARG A 148 13.53 22.34 23.92
CA ARG A 148 13.35 23.73 23.62
C ARG A 148 12.84 23.97 22.22
N THR A 149 11.65 23.47 21.89
CA THR A 149 11.04 23.67 20.60
C THR A 149 9.75 24.40 20.84
N ILE A 150 9.07 24.78 19.78
CA ILE A 150 7.82 25.49 19.96
C ILE A 150 6.68 24.67 20.61
N LEU A 151 6.87 23.37 20.81
CA LEU A 151 5.94 22.66 21.68
C LEU A 151 5.87 23.35 23.05
N ASP A 152 6.98 23.92 23.51
CA ASP A 152 6.98 24.59 24.79
C ASP A 152 5.93 25.66 24.91
N LEU A 153 5.29 26.04 23.81
CA LEU A 153 4.29 27.09 23.87
C LEU A 153 3.08 26.65 24.69
N VAL A 154 2.83 25.36 24.67
CA VAL A 154 1.73 24.81 25.43
C VAL A 154 1.89 25.07 26.94
N GLU A 155 2.95 24.54 27.54
CA GLU A 155 3.10 24.70 28.97
C GLU A 155 3.16 26.20 29.27
N LYS A 156 4.00 26.95 28.54
CA LYS A 156 4.19 28.36 28.83
C LYS A 156 2.92 29.19 28.78
N GLU A 157 2.06 28.92 27.81
CA GLU A 157 0.92 29.78 27.77
C GLU A 157 -0.31 29.36 28.62
N SER A 158 -0.52 28.06 28.82
CA SER A 158 -1.68 27.60 29.55
C SER A 158 -1.33 26.95 30.91
N GLY A 159 -0.06 26.56 31.09
CA GLY A 159 0.38 25.79 32.26
C GLY A 159 0.23 24.27 32.07
N ILE A 160 -0.36 23.88 30.95
CA ILE A 160 -0.72 22.49 30.77
C ILE A 160 0.47 21.58 30.46
N THR A 161 0.72 20.61 31.32
CA THR A 161 1.65 19.52 30.99
C THR A 161 0.87 18.23 30.74
N ILE A 162 1.36 17.42 29.80
CA ILE A 162 0.70 16.22 29.33
C ILE A 162 1.74 15.10 29.35
N GLU A 163 1.55 14.10 30.21
CA GLU A 163 2.65 13.18 30.46
C GLU A 163 3.08 12.42 29.23
N GLY A 164 4.39 12.35 29.00
CA GLY A 164 4.97 11.73 27.81
C GLY A 164 4.93 12.56 26.52
N VAL A 165 4.11 13.61 26.48
CA VAL A 165 4.03 14.52 25.34
C VAL A 165 4.92 15.76 25.57
N ASN A 166 4.69 16.55 26.60
CA ASN A 166 5.71 17.55 26.91
C ASN A 166 6.46 17.31 28.22
N THR A 167 6.50 16.04 28.63
CA THR A 167 7.33 15.57 29.74
C THR A 167 7.87 14.22 29.29
N PRO A 168 8.99 13.76 29.87
CA PRO A 168 9.62 12.54 29.33
C PRO A 168 9.08 11.24 29.91
N TYR A 169 9.00 10.20 29.08
CA TYR A 169 8.68 8.85 29.53
C TYR A 169 9.88 7.96 29.39
N LEU A 170 10.02 7.07 30.36
CA LEU A 170 10.98 5.96 30.26
C LEU A 170 10.19 4.66 29.99
N TYR A 171 10.76 3.77 29.18
CA TYR A 171 10.13 2.51 28.82
C TYR A 171 11.13 1.42 29.04
N PHE A 172 10.87 0.56 30.03
CA PHE A 172 11.73 -0.60 30.23
C PHE A 172 11.23 -1.82 29.50
N GLY A 173 12.02 -2.29 28.54
CA GLY A 173 11.62 -3.40 27.69
C GLY A 173 12.21 -4.74 28.10
N MET A 174 11.53 -5.81 27.68
CA MET A 174 12.09 -7.14 27.65
C MET A 174 11.77 -7.71 26.26
N TRP A 175 12.30 -8.89 25.96
CA TRP A 175 11.99 -9.61 24.72
C TRP A 175 10.52 -9.63 24.40
N LYS A 176 10.17 -9.31 23.17
CA LYS A 176 8.83 -9.54 22.62
C LYS A 176 7.85 -8.48 23.08
N THR A 177 8.31 -7.44 23.78
CA THR A 177 7.37 -6.36 24.10
C THR A 177 7.20 -5.51 22.87
N SER A 178 5.98 -5.00 22.72
CA SER A 178 5.54 -4.40 21.49
C SER A 178 5.02 -2.98 21.60
N PHE A 179 5.21 -2.20 20.53
CA PHE A 179 4.48 -0.91 20.40
C PHE A 179 3.66 -0.97 19.13
N ALA A 180 2.36 -0.78 19.29
CA ALA A 180 1.40 -0.95 18.20
C ALA A 180 1.53 0.17 17.18
N TRP A 181 1.03 -0.05 15.96
CA TRP A 181 0.96 0.99 14.95
C TRP A 181 0.25 2.30 15.38
N HIS A 182 0.93 3.43 15.22
CA HIS A 182 0.35 4.72 15.61
C HIS A 182 1.16 5.91 15.06
N THR A 183 0.53 7.07 14.95
CA THR A 183 1.25 8.29 14.82
C THR A 183 1.15 8.93 16.20
N GLU A 184 1.96 9.95 16.44
CA GLU A 184 1.96 10.59 17.75
C GLU A 184 0.67 11.33 18.00
N ASP A 185 0.32 11.49 19.25
CA ASP A 185 -0.81 12.37 19.56
C ASP A 185 -0.64 13.70 18.86
N MET A 186 -1.73 14.23 18.29
CA MET A 186 -1.77 15.53 17.58
C MET A 186 -0.83 15.53 16.41
N ASP A 187 -0.39 14.33 16.05
CA ASP A 187 0.57 14.15 14.97
C ASP A 187 1.90 14.90 15.14
N LEU A 188 2.32 15.01 16.39
CA LEU A 188 3.58 15.63 16.74
C LEU A 188 4.73 14.74 16.28
N TYR A 189 5.95 15.27 16.32
CA TYR A 189 7.13 14.46 16.19
C TYR A 189 7.34 13.72 17.49
N SER A 190 8.25 12.76 17.48
CA SER A 190 8.71 12.19 18.72
C SER A 190 10.19 11.95 18.60
N ILE A 191 10.82 11.80 19.77
CA ILE A 191 12.23 11.45 19.91
C ILE A 191 12.38 10.28 20.90
N ASN A 192 13.22 9.30 20.53
CA ASN A 192 13.41 8.14 21.35
C ASN A 192 14.93 7.91 21.47
N TYR A 193 15.43 7.89 22.71
CA TYR A 193 16.81 7.54 22.97
C TYR A 193 16.87 6.21 23.70
N LEU A 194 17.65 5.29 23.16
CA LEU A 194 17.81 4.01 23.80
C LEU A 194 19.03 4.08 24.73
N HIS A 195 18.79 4.43 26.00
CA HIS A 195 19.85 4.50 27.03
C HIS A 195 20.73 3.22 27.09
N PHE A 196 20.17 2.02 26.87
CA PHE A 196 20.99 0.79 27.05
C PHE A 196 20.17 -0.50 26.90
N GLY A 197 20.87 -1.63 26.78
CA GLY A 197 20.23 -2.95 26.74
C GLY A 197 20.23 -3.45 25.31
N GLU A 198 19.32 -4.35 24.99
CA GLU A 198 19.18 -4.87 23.64
C GLU A 198 18.46 -3.89 22.70
N PRO A 199 18.55 -4.14 21.40
CA PRO A 199 17.97 -3.23 20.43
C PRO A 199 16.46 -3.11 20.53
N LYS A 200 15.93 -2.12 19.80
CA LYS A 200 14.51 -1.93 19.62
C LYS A 200 14.32 -1.87 18.10
N SER A 201 13.52 -2.76 17.54
CA SER A 201 13.37 -2.73 16.08
C SER A 201 12.08 -1.99 15.71
N TRP A 202 12.02 -1.45 14.50
CA TRP A 202 11.02 -0.42 14.16
C TRP A 202 10.58 -0.69 12.76
N TYR A 203 9.33 -0.39 12.48
CA TYR A 203 8.77 -0.41 11.13
C TYR A 203 8.16 0.95 10.95
N SER A 204 8.13 1.42 9.71
CA SER A 204 7.61 2.74 9.45
C SER A 204 6.98 2.83 8.09
N VAL A 205 5.85 3.51 7.99
CA VAL A 205 5.21 3.83 6.73
C VAL A 205 5.40 5.30 6.39
N PRO A 206 5.73 5.62 5.14
CA PRO A 206 5.88 7.07 4.83
C PRO A 206 4.61 7.91 4.97
N PRO A 207 4.75 9.10 5.57
CA PRO A 207 3.55 9.91 5.76
C PRO A 207 2.69 10.10 4.50
N GLU A 208 3.31 10.15 3.35
CA GLU A 208 2.56 10.32 2.12
C GLU A 208 1.79 9.03 1.79
N HIS A 209 1.90 8.00 2.62
CA HIS A 209 1.09 6.81 2.35
C HIS A 209 0.30 6.42 3.56
N GLY A 210 0.38 7.25 4.59
CA GLY A 210 -0.34 6.99 5.80
C GLY A 210 -1.78 6.66 5.55
N LYS A 211 -2.43 7.49 4.75
CA LYS A 211 -3.82 7.32 4.45
C LYS A 211 -4.07 5.89 3.95
N ARG A 212 -3.13 5.37 3.18
CA ARG A 212 -3.32 4.04 2.67
C ARG A 212 -3.30 3.00 3.82
N LEU A 213 -2.46 3.21 4.82
CA LEU A 213 -2.45 2.32 5.96
C LEU A 213 -3.77 2.39 6.74
N GLU A 214 -4.32 3.57 6.99
CA GLU A 214 -5.64 3.63 7.66
C GLU A 214 -6.74 3.01 6.80
N ARG A 215 -6.73 3.22 5.51
CA ARG A 215 -7.80 2.65 4.73
C ARG A 215 -7.79 1.14 4.97
N LEU A 216 -6.59 0.61 5.01
CA LEU A 216 -6.39 -0.82 5.12
C LEU A 216 -6.82 -1.36 6.48
N ALA A 217 -6.31 -0.72 7.49
CA ALA A 217 -6.54 -1.09 8.83
C ALA A 217 -8.03 -1.10 9.08
N LYS A 218 -8.77 -0.20 8.42
CA LYS A 218 -10.22 -0.19 8.55
C LYS A 218 -10.90 -1.44 8.03
N GLY A 219 -10.46 -1.93 6.88
CA GLY A 219 -10.98 -3.17 6.30
C GLY A 219 -10.61 -4.36 7.17
N PHE A 220 -9.41 -4.34 7.74
CA PHE A 220 -8.93 -5.43 8.57
C PHE A 220 -9.67 -5.50 9.90
N PHE A 221 -10.13 -4.36 10.43
CA PHE A 221 -10.70 -4.29 11.78
C PHE A 221 -11.95 -3.47 11.67
N PRO A 222 -12.86 -3.93 10.84
CA PRO A 222 -14.08 -3.15 10.57
C PRO A 222 -14.84 -2.78 11.85
N GLY A 223 -15.00 -3.71 12.79
CA GLY A 223 -15.69 -3.38 14.05
C GLY A 223 -15.12 -2.15 14.73
N SER A 224 -13.83 -2.20 15.08
CA SER A 224 -13.13 -1.05 15.67
C SER A 224 -13.27 0.25 14.85
N ALA A 225 -13.25 0.18 13.53
CA ALA A 225 -13.37 1.43 12.79
C ALA A 225 -14.73 2.11 13.02
N GLN A 226 -15.82 1.36 13.04
CA GLN A 226 -17.13 2.00 13.18
C GLN A 226 -17.32 2.61 14.56
N SER A 227 -16.59 2.11 15.55
CA SER A 227 -16.71 2.68 16.89
CA SER A 227 -16.69 2.66 16.90
C SER A 227 -15.73 3.83 17.13
N CYS A 228 -14.76 4.01 16.24
CA CYS A 228 -13.89 5.15 16.41
C CYS A 228 -13.14 5.48 15.12
N GLU A 229 -13.20 6.72 14.68
CA GLU A 229 -12.47 7.12 13.48
C GLU A 229 -11.02 6.67 13.64
N ALA A 230 -10.41 7.27 14.65
CA ALA A 230 -9.03 7.09 14.88
C ALA A 230 -8.70 5.93 15.82
N PHE A 231 -9.27 4.74 15.61
CA PHE A 231 -8.95 3.59 16.50
C PHE A 231 -7.47 3.24 16.65
N LEU A 232 -6.70 3.49 15.61
CA LEU A 232 -5.26 3.24 15.69
C LEU A 232 -4.66 4.01 16.85
N ARG A 233 -5.24 5.14 17.21
CA ARG A 233 -4.67 5.93 18.30
C ARG A 233 -4.83 5.26 19.62
N HIS A 234 -5.61 4.18 19.70
CA HIS A 234 -5.63 3.37 20.94
C HIS A 234 -4.32 2.61 21.21
N LYS A 235 -3.46 2.49 20.21
CA LYS A 235 -2.20 1.77 20.34
C LYS A 235 -2.39 0.30 20.72
N MET A 236 -3.31 -0.38 20.04
CA MET A 236 -3.62 -1.78 20.34
C MET A 236 -3.58 -2.67 19.10
N THR A 237 -3.22 -2.07 17.96
CA THR A 237 -3.34 -2.76 16.70
C THR A 237 -2.00 -3.15 16.18
N LEU A 238 -1.81 -4.45 15.96
CA LEU A 238 -0.52 -4.92 15.41
C LEU A 238 -0.69 -5.53 14.02
N ILE A 239 0.23 -5.20 13.11
CA ILE A 239 0.11 -5.64 11.77
C ILE A 239 1.49 -6.05 11.27
N SER A 240 1.70 -7.30 10.84
CA SER A 240 3.05 -7.71 10.40
C SER A 240 3.54 -7.13 9.02
N PRO A 241 4.83 -7.17 8.75
CA PRO A 241 5.28 -6.68 7.44
C PRO A 241 4.86 -7.54 6.24
N LEU A 242 4.71 -8.86 6.42
CA LEU A 242 4.05 -9.67 5.39
C LEU A 242 2.67 -9.14 4.99
N MET A 243 1.83 -8.71 5.94
CA MET A 243 0.51 -8.15 5.58
C MET A 243 0.64 -6.83 4.85
N LEU A 244 1.54 -5.97 5.32
CA LEU A 244 1.72 -4.70 4.68
C LEU A 244 2.17 -4.99 3.27
N LYS A 245 3.26 -5.73 3.17
CA LYS A 245 3.79 -6.15 1.89
C LYS A 245 2.68 -6.70 0.97
N LYS A 246 1.88 -7.64 1.47
CA LYS A 246 0.82 -8.29 0.71
C LYS A 246 -0.32 -7.37 0.22
N TYR A 247 -0.49 -6.23 0.88
CA TYR A 247 -1.51 -5.32 0.45
C TYR A 247 -0.82 -4.08 -0.09
N GLY A 248 0.39 -4.29 -0.58
CA GLY A 248 1.18 -3.23 -1.18
C GLY A 248 1.16 -1.91 -0.44
N ILE A 249 1.52 -1.91 0.83
CA ILE A 249 1.71 -0.70 1.62
C ILE A 249 3.20 -0.57 1.84
N PRO A 250 3.80 0.53 1.41
CA PRO A 250 5.26 0.70 1.49
C PRO A 250 5.69 0.98 2.91
N PHE A 251 6.80 0.43 3.38
CA PHE A 251 7.25 0.68 4.78
C PHE A 251 8.75 0.41 4.81
N ASP A 252 9.44 0.82 5.87
CA ASP A 252 10.84 0.40 5.96
C ASP A 252 11.04 -0.16 7.38
N LYS A 253 12.17 -0.81 7.60
CA LYS A 253 12.44 -1.44 8.89
C LYS A 253 13.77 -0.90 9.29
N VAL A 254 14.00 -0.79 10.57
CA VAL A 254 15.30 -0.33 11.01
C VAL A 254 15.37 -0.75 12.45
N THR A 255 16.58 -1.05 12.92
CA THR A 255 16.86 -1.51 14.27
C THR A 255 17.71 -0.50 14.99
N GLN A 256 17.32 -0.12 16.19
CA GLN A 256 17.95 0.94 16.94
C GLN A 256 18.79 0.35 18.09
N GLU A 257 20.02 0.84 18.28
CA GLU A 257 20.90 0.23 19.27
C GLU A 257 21.10 1.07 20.53
N ALA A 258 21.74 0.53 21.55
CA ALA A 258 22.02 1.35 22.71
C ALA A 258 22.72 2.62 22.25
N GLY A 259 22.44 3.74 22.89
CA GLY A 259 23.10 4.98 22.48
C GLY A 259 22.66 5.60 21.15
N GLU A 260 21.68 5.04 20.46
CA GLU A 260 21.19 5.71 19.26
C GLU A 260 19.84 6.46 19.47
N PHE A 261 19.59 7.49 18.67
CA PHE A 261 18.34 8.26 18.73
C PHE A 261 17.51 7.90 17.53
N MET A 262 16.18 7.95 17.68
CA MET A 262 15.27 7.87 16.53
C MET A 262 14.35 9.08 16.63
N ILE A 263 13.98 9.63 15.49
CA ILE A 263 13.02 10.70 15.43
C ILE A 263 11.83 10.20 14.59
N THR A 264 10.60 10.43 15.01
CA THR A 264 9.44 10.21 14.12
C THR A 264 8.88 11.57 13.70
N PHE A 265 8.27 11.57 12.54
CA PHE A 265 7.85 12.81 11.94
C PHE A 265 6.36 12.95 11.92
N PRO A 266 5.85 14.17 11.76
CA PRO A 266 4.39 14.24 11.83
C PRO A 266 3.73 13.23 10.89
N TYR A 267 2.73 12.55 11.42
CA TYR A 267 1.93 11.60 10.65
C TYR A 267 2.73 10.42 10.11
N GLY A 268 3.89 10.14 10.69
CA GLY A 268 4.62 8.96 10.28
C GLY A 268 4.14 7.79 11.14
N TYR A 269 3.35 6.88 10.57
CA TYR A 269 3.03 5.62 11.28
C TYR A 269 4.24 4.71 11.53
N HIS A 270 4.40 4.28 12.77
CA HIS A 270 5.47 3.40 13.20
C HIS A 270 5.03 2.33 14.21
N ALA A 271 5.79 1.23 14.26
CA ALA A 271 5.58 0.16 15.25
C ALA A 271 6.87 -0.59 15.43
N GLY A 272 6.92 -1.42 16.47
CA GLY A 272 8.07 -2.27 16.70
C GLY A 272 8.02 -3.21 17.90
N PHE A 273 9.19 -3.66 18.32
CA PHE A 273 9.26 -4.53 19.47
C PHE A 273 10.67 -4.49 20.03
N ASN A 274 10.79 -4.81 21.31
CA ASN A 274 12.11 -4.87 21.94
C ASN A 274 12.78 -6.25 21.91
N HIS A 275 14.10 -6.28 21.68
CA HIS A 275 14.88 -7.51 21.59
C HIS A 275 15.13 -8.13 22.94
N GLY A 276 15.21 -7.33 24.00
CA GLY A 276 15.53 -7.87 25.32
C GLY A 276 15.51 -6.80 26.39
N PHE A 277 16.22 -7.01 27.48
CA PHE A 277 16.22 -5.99 28.49
C PHE A 277 16.76 -4.69 27.91
N ASN A 278 16.03 -3.60 28.11
CA ASN A 278 16.52 -2.31 27.60
C ASN A 278 15.76 -1.20 28.21
N CYS A 279 16.10 0.02 27.80
CA CYS A 279 15.52 1.18 28.43
C CYS A 279 15.59 2.37 27.51
N ALA A 280 14.42 2.87 27.11
CA ALA A 280 14.37 3.99 26.19
C ALA A 280 13.66 5.13 26.87
N GLU A 281 13.95 6.35 26.42
CA GLU A 281 13.32 7.55 26.99
C GLU A 281 12.71 8.32 25.84
N SER A 282 11.63 9.04 26.09
CA SER A 282 10.94 9.52 24.94
C SER A 282 10.04 10.67 25.30
N THR A 283 9.82 11.56 24.32
CA THR A 283 8.88 12.66 24.47
C THR A 283 8.51 13.12 23.07
N ASN A 284 7.54 14.05 22.95
CA ASN A 284 7.10 14.59 21.64
C ASN A 284 7.72 15.95 21.45
N PHE A 285 7.85 16.47 20.22
CA PHE A 285 8.25 17.86 20.05
C PHE A 285 7.64 18.41 18.77
N ALA A 286 7.93 19.64 18.44
CA ALA A 286 7.31 20.22 17.26
C ALA A 286 8.25 21.16 16.49
N THR A 287 7.86 21.48 15.26
CA THR A 287 8.48 22.53 14.47
C THR A 287 7.36 23.25 13.75
N ARG A 288 7.70 24.36 13.08
CA ARG A 288 6.67 25.19 12.49
C ARG A 288 5.80 24.38 11.60
N ARG A 289 6.39 23.41 10.92
CA ARG A 289 5.70 22.63 9.92
C ARG A 289 4.62 21.72 10.54
N TRP A 290 4.76 21.42 11.83
CA TRP A 290 3.80 20.51 12.46
C TRP A 290 2.44 21.20 12.58
N ILE A 291 2.47 22.50 12.88
CA ILE A 291 1.22 23.23 13.12
C ILE A 291 0.08 22.81 12.24
N GLU A 292 0.32 22.70 10.95
CA GLU A 292 -0.72 22.35 10.00
C GLU A 292 -1.20 20.92 10.21
N TYR A 293 -0.28 20.00 10.44
CA TYR A 293 -0.69 18.68 10.89
C TYR A 293 -1.50 18.75 12.21
N GLY A 294 -1.12 19.60 13.15
CA GLY A 294 -1.90 19.72 14.38
C GLY A 294 -3.34 20.19 14.13
N LYS A 295 -3.53 21.04 13.13
CA LYS A 295 -4.85 21.60 12.90
C LYS A 295 -5.70 20.55 12.28
N GLN A 296 -5.07 19.66 11.51
CA GLN A 296 -5.79 18.67 10.76
C GLN A 296 -5.87 17.26 11.32
N ALA A 297 -5.17 16.99 12.41
CA ALA A 297 -5.12 15.64 12.99
C ALA A 297 -6.50 15.11 13.29
N VAL A 298 -6.78 13.89 12.84
CA VAL A 298 -8.02 13.25 13.16
C VAL A 298 -7.85 12.53 14.51
N LEU A 299 -8.75 12.80 15.46
CA LEU A 299 -8.55 12.44 16.88
C LEU A 299 -9.51 11.37 17.36
N CYS A 300 -9.10 10.64 18.39
CA CYS A 300 -9.91 9.56 18.95
C CYS A 300 -11.32 10.08 19.26
N SER A 301 -12.37 9.50 18.65
CA SER A 301 -13.72 9.99 18.88
C SER A 301 -14.53 9.27 19.96
N CYS A 302 -13.92 8.32 20.67
CA CYS A 302 -14.64 7.44 21.57
C CYS A 302 -14.07 7.62 22.94
N ARG A 303 -13.07 8.47 23.02
CA ARG A 303 -12.56 8.97 24.28
C ARG A 303 -11.77 7.97 25.12
N LYS A 304 -11.15 6.99 24.47
CA LYS A 304 -10.09 6.19 25.12
C LYS A 304 -8.81 7.02 25.16
N ASP A 305 -8.42 7.56 24.01
CA ASP A 305 -7.33 8.52 23.92
C ASP A 305 -7.84 9.95 24.04
N MET A 306 -7.55 10.57 25.16
CA MET A 306 -8.15 11.84 25.53
C MET A 306 -7.20 13.01 25.25
N VAL A 307 -5.98 12.74 24.78
CA VAL A 307 -4.99 13.82 24.64
C VAL A 307 -5.33 14.77 23.51
N LYS A 308 -5.35 16.06 23.80
CA LYS A 308 -5.82 17.01 22.83
C LYS A 308 -5.27 18.39 23.13
N ILE A 309 -4.44 18.92 22.25
CA ILE A 309 -3.80 20.21 22.47
C ILE A 309 -4.55 21.30 21.73
N SER A 310 -4.80 22.43 22.40
CA SER A 310 -5.39 23.61 21.79
C SER A 310 -4.45 24.22 20.72
N MET A 311 -4.92 24.39 19.50
CA MET A 311 -4.05 24.86 18.42
C MET A 311 -3.95 26.40 18.40
N ASP A 312 -4.88 27.04 19.09
CA ASP A 312 -5.12 28.47 18.96
C ASP A 312 -3.84 29.25 19.07
N VAL A 313 -3.12 28.99 20.13
CA VAL A 313 -1.91 29.70 20.39
C VAL A 313 -0.96 29.64 19.18
N PHE A 314 -0.90 28.48 18.53
CA PHE A 314 0.06 28.30 17.45
C PHE A 314 -0.39 29.02 16.19
N VAL A 315 -1.66 28.94 15.86
CA VAL A 315 -2.14 29.57 14.66
C VAL A 315 -2.03 31.07 14.80
N ARG A 316 -2.46 31.61 15.93
CA ARG A 316 -2.40 33.05 16.13
C ARG A 316 -0.93 33.54 15.95
N LYS A 317 -0.04 32.88 16.66
CA LYS A 317 1.31 33.33 16.64
C LYS A 317 2.04 33.09 15.31
N PHE A 318 1.79 31.99 14.60
CA PHE A 318 2.55 31.70 13.37
C PHE A 318 1.76 31.80 12.09
N GLN A 319 0.43 31.82 12.17
CA GLN A 319 -0.36 31.99 10.96
C GLN A 319 -1.37 33.09 11.15
N PRO A 320 -0.87 34.29 11.54
CA PRO A 320 -1.70 35.47 11.76
C PRO A 320 -2.74 35.65 10.66
N GLU A 321 -2.29 35.68 9.42
CA GLU A 321 -3.23 35.96 8.36
C GLU A 321 -4.35 34.95 8.38
N ARG A 322 -4.07 33.72 8.77
CA ARG A 322 -5.08 32.69 8.57
CA ARG A 322 -5.03 32.63 8.59
C ARG A 322 -5.96 32.45 9.77
N TYR A 323 -5.60 33.06 10.90
CA TYR A 323 -6.36 32.87 12.14
C TYR A 323 -7.89 32.96 11.98
N LYS A 324 -8.37 34.04 11.36
CA LYS A 324 -9.81 34.23 11.26
C LYS A 324 -10.49 33.21 10.34
N LEU A 325 -9.89 32.95 9.19
CA LEU A 325 -10.38 31.90 8.29
C LEU A 325 -10.42 30.53 9.03
N TRP A 326 -9.38 30.25 9.80
CA TRP A 326 -9.29 29.00 10.53
C TRP A 326 -10.42 28.91 11.54
N LYS A 327 -10.56 29.99 12.30
CA LYS A 327 -11.48 30.07 13.42
C LYS A 327 -12.91 29.93 12.93
N ALA A 328 -13.24 30.57 11.83
CA ALA A 328 -14.57 30.35 11.30
C ALA A 328 -14.58 29.06 10.49
N GLY A 329 -13.77 28.08 10.91
CA GLY A 329 -13.71 26.78 10.25
C GLY A 329 -13.57 26.78 8.72
N LYS A 330 -12.91 27.77 8.12
CA LYS A 330 -12.76 27.74 6.65
C LYS A 330 -11.36 27.57 6.07
N ASP A 331 -10.35 27.35 6.90
CA ASP A 331 -8.97 27.13 6.43
C ASP A 331 -8.79 25.78 5.73
N ASN A 332 -8.70 25.80 4.41
CA ASN A 332 -8.66 24.61 3.58
C ASN A 332 -7.25 24.18 3.10
N THR A 333 -6.18 24.56 3.82
CA THR A 333 -4.85 24.18 3.35
C THR A 333 -4.72 22.65 3.23
N VAL A 334 -4.02 22.22 2.21
CA VAL A 334 -3.79 20.81 2.03
C VAL A 334 -2.36 20.58 2.40
N ILE A 335 -2.10 19.60 3.25
CA ILE A 335 -0.73 19.29 3.62
C ILE A 335 0.00 18.65 2.45
N ASP A 336 1.26 19.02 2.28
CA ASP A 336 2.16 18.32 1.36
C ASP A 336 3.29 17.66 2.17
N HIS A 337 3.20 16.34 2.30
CA HIS A 337 4.04 15.64 3.26
C HIS A 337 5.53 15.73 2.84
N THR A 338 5.77 16.21 1.61
CA THR A 338 7.14 16.25 1.08
C THR A 338 8.01 17.46 1.51
N LEU A 339 7.38 18.57 1.87
CA LEU A 339 8.11 19.79 2.23
C LEU A 339 8.88 19.70 3.54
N PRO A 340 10.16 20.13 3.56
CA PRO A 340 10.89 20.40 4.81
C PRO A 340 10.22 21.54 5.60
N THR A 341 10.64 21.78 6.83
CA THR A 341 9.98 22.83 7.61
C THR A 341 10.56 24.18 7.22
N PRO A 342 9.80 25.27 7.43
CA PRO A 342 10.35 26.60 7.12
C PRO A 342 11.79 26.88 7.67
N GLU A 343 12.12 26.30 8.82
CA GLU A 343 13.38 26.60 9.52
C GLU A 343 14.64 26.15 8.77
N ALA A 344 14.43 25.55 7.61
CA ALA A 344 15.46 24.79 6.93
C ALA A 344 16.12 25.63 5.85
N ALA A 345 15.42 26.68 5.42
CA ALA A 345 15.88 27.54 4.30
C ALA A 345 17.39 27.72 4.28
N GLU A 346 17.96 27.96 5.46
CA GLU A 346 19.36 28.35 5.57
C GLU A 346 20.30 27.24 5.12
N PHE A 347 19.73 26.09 4.73
CA PHE A 347 20.52 24.92 4.33
C PHE A 347 20.42 24.64 2.83
N THR B 1 -14.07 -14.91 4.09
CA THR B 1 -13.08 -15.74 4.84
C THR B 1 -11.59 -15.40 4.47
N LEU B 2 -11.09 -15.87 3.33
CA LEU B 2 -9.81 -15.39 2.79
C LEU B 2 -9.93 -14.01 2.08
N ASN B 3 -9.03 -13.06 2.41
CA ASN B 3 -9.12 -11.68 1.89
C ASN B 3 -10.54 -11.09 1.92
N PRO B 4 -11.11 -11.02 3.13
CA PRO B 4 -12.50 -10.60 3.30
C PRO B 4 -12.72 -9.14 2.91
N SER B 5 -11.66 -8.33 2.94
CA SER B 5 -11.85 -6.94 2.55
C SER B 5 -11.85 -6.88 1.03
N ALA B 6 -11.46 -7.97 0.36
CA ALA B 6 -11.49 -8.05 -1.11
C ALA B 6 -10.58 -7.00 -1.76
N ARG B 7 -9.41 -6.76 -1.17
CA ARG B 7 -8.54 -5.68 -1.62
C ARG B 7 -7.49 -6.30 -2.53
N ILE B 8 -6.89 -5.49 -3.38
CA ILE B 8 -5.91 -6.00 -4.31
C ILE B 8 -4.66 -6.47 -3.59
N MET B 9 -4.21 -7.71 -3.78
CA MET B 9 -2.99 -8.16 -3.09
C MET B 9 -1.81 -8.24 -4.03
N THR B 10 -0.61 -8.23 -3.48
CA THR B 10 0.61 -8.23 -4.24
C THR B 10 1.45 -9.36 -3.71
N PHE B 11 2.16 -10.05 -4.57
CA PHE B 11 2.84 -11.26 -4.20
C PHE B 11 4.25 -11.19 -4.71
N TYR B 12 5.17 -11.84 -4.02
CA TYR B 12 6.58 -11.83 -4.39
C TYR B 12 7.11 -13.24 -4.43
N PRO B 13 6.87 -13.95 -5.54
CA PRO B 13 7.33 -15.33 -5.53
C PRO B 13 8.86 -15.38 -5.69
N THR B 14 9.47 -16.41 -5.11
CA THR B 14 10.86 -16.75 -5.38
C THR B 14 10.97 -17.58 -6.65
N MET B 15 12.21 -17.69 -7.15
CA MET B 15 12.41 -18.33 -8.42
C MET B 15 11.71 -19.69 -8.52
N GLU B 16 11.79 -20.51 -7.48
CA GLU B 16 11.15 -21.82 -7.50
C GLU B 16 9.67 -21.72 -7.52
N GLU B 17 9.09 -20.71 -6.89
CA GLU B 17 7.63 -20.63 -6.95
C GLU B 17 7.16 -20.10 -8.30
N PHE B 18 8.03 -19.30 -8.90
CA PHE B 18 7.78 -18.63 -10.17
C PHE B 18 7.81 -19.60 -11.37
N ARG B 19 8.48 -20.73 -11.21
CA ARG B 19 8.67 -21.63 -12.35
C ARG B 19 7.43 -22.41 -12.76
N ASN B 20 6.57 -22.77 -11.84
CA ASN B 20 5.30 -23.28 -12.29
C ASN B 20 4.22 -22.21 -12.22
N PHE B 21 3.79 -21.76 -13.40
CA PHE B 21 2.93 -20.61 -13.50
C PHE B 21 1.50 -20.92 -13.10
N SER B 22 1.01 -22.06 -13.60
CA SER B 22 -0.29 -22.62 -13.19
C SER B 22 -0.43 -22.72 -11.69
N ARG B 23 0.65 -23.17 -11.09
CA ARG B 23 0.70 -23.49 -9.68
C ARG B 23 0.74 -22.20 -8.82
N TYR B 24 1.38 -21.15 -9.30
CA TYR B 24 1.35 -19.92 -8.53
C TYR B 24 -0.04 -19.34 -8.58
N ILE B 25 -0.66 -19.42 -9.74
CA ILE B 25 -2.00 -18.85 -9.83
C ILE B 25 -2.86 -19.54 -8.78
N ALA B 26 -2.81 -20.86 -8.73
CA ALA B 26 -3.56 -21.60 -7.74
C ALA B 26 -3.13 -21.11 -6.36
N TYR B 27 -1.83 -20.85 -6.19
CA TYR B 27 -1.36 -20.33 -4.90
C TYR B 27 -2.03 -19.04 -4.47
N ILE B 28 -1.84 -17.98 -5.25
CA ILE B 28 -2.41 -16.69 -4.91
C ILE B 28 -3.93 -16.82 -4.76
N GLU B 29 -4.62 -17.61 -5.57
CA GLU B 29 -6.03 -17.84 -5.28
C GLU B 29 -6.26 -18.47 -3.88
N SER B 30 -5.31 -19.30 -3.44
CA SER B 30 -5.47 -19.96 -2.13
C SER B 30 -5.39 -18.90 -1.04
N GLN B 31 -4.69 -17.82 -1.36
CA GLN B 31 -4.60 -16.67 -0.47
C GLN B 31 -5.78 -15.66 -0.60
N GLY B 32 -6.71 -15.89 -1.53
CA GLY B 32 -7.85 -14.98 -1.69
C GLY B 32 -7.73 -13.89 -2.76
N ALA B 33 -6.60 -13.84 -3.47
CA ALA B 33 -6.34 -12.72 -4.38
C ALA B 33 -7.44 -12.52 -5.36
N HIS B 34 -8.08 -13.60 -5.77
CA HIS B 34 -9.13 -13.50 -6.78
C HIS B 34 -10.37 -12.73 -6.32
N ARG B 35 -10.56 -12.58 -5.02
CA ARG B 35 -11.79 -11.89 -4.62
C ARG B 35 -11.80 -10.43 -5.05
N ALA B 36 -10.61 -9.84 -5.19
CA ALA B 36 -10.49 -8.40 -5.52
C ALA B 36 -10.79 -8.14 -6.96
N GLY B 37 -10.60 -9.20 -7.75
CA GLY B 37 -10.80 -9.18 -9.17
C GLY B 37 -9.50 -8.92 -9.91
N LEU B 38 -8.45 -8.58 -9.16
CA LEU B 38 -7.21 -8.12 -9.76
C LEU B 38 -6.03 -8.28 -8.79
N ALA B 39 -4.87 -8.72 -9.27
CA ALA B 39 -3.74 -8.96 -8.39
C ALA B 39 -2.41 -8.54 -9.03
N LYS B 40 -1.41 -8.24 -8.23
CA LYS B 40 -0.12 -7.92 -8.82
C LYS B 40 0.93 -8.96 -8.38
N VAL B 41 1.87 -9.29 -9.28
CA VAL B 41 2.92 -10.22 -8.96
C VAL B 41 4.21 -9.60 -9.44
N VAL B 42 5.11 -9.33 -8.50
CA VAL B 42 6.45 -8.86 -8.81
C VAL B 42 7.37 -10.07 -8.97
N PRO B 43 8.00 -10.23 -10.17
CA PRO B 43 8.93 -11.35 -10.45
C PRO B 43 10.25 -11.21 -9.70
N PRO B 44 10.91 -12.33 -9.39
CA PRO B 44 12.17 -12.26 -8.69
C PRO B 44 13.13 -11.33 -9.42
N LYS B 45 13.76 -10.40 -8.69
CA LYS B 45 14.69 -9.45 -9.30
C LYS B 45 15.65 -10.08 -10.33
N GLU B 46 15.88 -11.39 -10.25
CA GLU B 46 16.82 -12.03 -11.18
C GLU B 46 16.26 -12.22 -12.59
N TRP B 47 14.94 -12.22 -12.68
CA TRP B 47 14.30 -12.64 -13.92
C TRP B 47 14.10 -11.47 -14.88
N LYS B 48 14.35 -11.73 -16.16
CA LYS B 48 14.21 -10.73 -17.21
C LYS B 48 13.65 -11.42 -18.44
N PRO B 49 12.62 -10.86 -19.05
CA PRO B 49 12.09 -11.59 -20.19
C PRO B 49 12.78 -11.23 -21.52
N ARG B 50 13.55 -10.15 -21.54
CA ARG B 50 14.27 -9.76 -22.74
C ARG B 50 15.54 -9.06 -22.28
N ALA B 51 16.59 -9.24 -23.06
CA ALA B 51 17.88 -8.58 -22.81
C ALA B 51 17.81 -7.03 -22.79
N SER B 52 17.13 -6.43 -23.76
CA SER B 52 17.10 -4.98 -23.85
C SER B 52 16.04 -4.62 -24.84
N TYR B 53 15.62 -3.36 -24.80
CA TYR B 53 14.51 -2.92 -25.59
C TYR B 53 14.98 -1.81 -26.55
N ASP B 54 16.04 -2.06 -27.30
CA ASP B 54 16.54 -1.05 -28.24
C ASP B 54 16.28 -1.48 -29.66
N ASP B 55 16.47 -2.76 -29.89
CA ASP B 55 16.29 -3.31 -31.21
C ASP B 55 14.79 -3.27 -31.64
N ILE B 56 13.97 -2.42 -31.04
CA ILE B 56 12.54 -2.43 -31.41
C ILE B 56 12.01 -1.14 -31.95
N ASP B 57 12.83 -0.10 -32.04
CA ASP B 57 12.37 1.14 -32.65
C ASP B 57 11.67 0.93 -33.99
N ASP B 58 11.93 -0.21 -34.62
CA ASP B 58 11.45 -0.40 -35.99
C ASP B 58 10.28 -1.35 -36.04
N LEU B 59 9.76 -1.73 -34.87
CA LEU B 59 8.52 -2.51 -34.78
C LEU B 59 7.34 -1.70 -35.28
N VAL B 60 6.49 -2.34 -36.07
CA VAL B 60 5.36 -1.64 -36.67
C VAL B 60 4.11 -1.79 -35.84
N ILE B 61 3.51 -0.65 -35.47
CA ILE B 61 2.14 -0.56 -34.93
C ILE B 61 1.14 -0.39 -36.11
N PRO B 62 0.53 -1.49 -36.56
CA PRO B 62 -0.25 -1.44 -37.80
C PRO B 62 -1.46 -0.50 -37.76
N ALA B 63 -2.11 -0.44 -36.60
CA ALA B 63 -3.47 0.12 -36.48
C ALA B 63 -3.61 0.97 -35.24
N PRO B 64 -2.84 2.03 -35.13
CA PRO B 64 -3.00 2.83 -33.93
C PRO B 64 -4.40 3.49 -33.85
N ILE B 65 -4.89 3.79 -32.65
CA ILE B 65 -6.24 4.33 -32.60
C ILE B 65 -6.19 5.60 -31.77
N GLN B 66 -6.81 6.63 -32.29
CA GLN B 66 -6.97 7.86 -31.53
C GLN B 66 -8.19 7.68 -30.70
N GLN B 67 -8.13 8.08 -29.44
CA GLN B 67 -9.21 7.83 -28.51
C GLN B 67 -10.05 9.08 -28.25
N LEU B 68 -11.19 9.19 -28.95
CA LEU B 68 -12.12 10.30 -28.69
C LEU B 68 -13.16 9.98 -27.64
N VAL B 69 -13.27 10.87 -26.65
CA VAL B 69 -14.13 10.61 -25.53
C VAL B 69 -15.18 11.70 -25.36
N THR B 70 -16.45 11.35 -25.50
CA THR B 70 -17.50 12.27 -25.23
C THR B 70 -18.23 11.90 -23.95
N GLY B 71 -18.57 12.91 -23.15
CA GLY B 71 -19.39 12.68 -21.97
C GLY B 71 -19.23 13.67 -20.84
N GLN B 72 -19.99 13.47 -19.77
CA GLN B 72 -19.93 14.38 -18.65
C GLN B 72 -20.38 13.72 -17.33
N SER B 73 -20.15 14.44 -16.23
CA SER B 73 -20.55 14.01 -14.88
C SER B 73 -20.10 12.62 -14.53
N GLY B 74 -18.90 12.25 -14.96
CA GLY B 74 -18.29 10.96 -14.64
C GLY B 74 -18.60 9.79 -15.58
N LEU B 75 -19.42 10.01 -16.60
CA LEU B 75 -19.81 8.93 -17.47
C LEU B 75 -19.43 9.25 -18.88
N PHE B 76 -18.81 8.32 -19.59
CA PHE B 76 -18.28 8.61 -20.93
C PHE B 76 -18.33 7.45 -21.87
N THR B 77 -18.38 7.75 -23.16
CA THR B 77 -18.26 6.74 -24.21
C THR B 77 -17.10 7.08 -25.09
N GLN B 78 -16.29 6.07 -25.40
CA GLN B 78 -15.05 6.24 -26.14
C GLN B 78 -15.16 5.73 -27.58
N TYR B 79 -14.73 6.56 -28.53
CA TYR B 79 -14.77 6.21 -29.96
C TYR B 79 -13.34 6.09 -30.47
N ASN B 80 -13.03 4.95 -31.10
CA ASN B 80 -11.70 4.71 -31.65
C ASN B 80 -11.58 5.13 -33.10
N ILE B 81 -10.66 6.03 -33.42
CA ILE B 81 -10.45 6.45 -34.80
C ILE B 81 -9.14 5.84 -35.25
N GLN B 82 -9.19 5.02 -36.27
CA GLN B 82 -7.94 4.43 -36.72
C GLN B 82 -7.03 5.41 -37.49
N LYS B 83 -5.73 5.29 -37.28
CA LYS B 83 -4.82 6.18 -37.96
C LYS B 83 -3.84 5.30 -38.70
N LYS B 84 -2.94 5.92 -39.46
CA LYS B 84 -2.03 5.17 -40.29
C LYS B 84 -1.04 4.40 -39.44
N ALA B 85 -0.52 3.29 -39.97
CA ALA B 85 0.56 2.56 -39.30
C ALA B 85 1.70 3.51 -38.89
N MET B 86 2.42 3.16 -37.84
CA MET B 86 3.64 3.88 -37.50
C MET B 86 4.59 2.94 -36.79
N THR B 87 5.88 3.29 -36.81
CA THR B 87 6.87 2.50 -36.07
C THR B 87 6.89 2.87 -34.60
N VAL B 88 7.46 2.01 -33.76
CA VAL B 88 7.62 2.42 -32.37
C VAL B 88 8.34 3.79 -32.22
N ARG B 89 9.45 3.96 -32.95
CA ARG B 89 10.18 5.23 -32.91
C ARG B 89 9.28 6.44 -33.16
N GLU B 90 8.43 6.39 -34.18
CA GLU B 90 7.54 7.53 -34.43
C GLU B 90 6.51 7.69 -33.31
N PHE B 91 5.99 6.58 -32.78
CA PHE B 91 4.97 6.66 -31.74
C PHE B 91 5.62 7.29 -30.50
N ARG B 92 6.81 6.80 -30.16
CA ARG B 92 7.51 7.39 -29.03
C ARG B 92 7.73 8.90 -29.20
N LYS B 93 7.98 9.36 -30.41
CA LYS B 93 8.19 10.81 -30.52
C LYS B 93 6.88 11.60 -30.31
N ILE B 94 5.77 11.09 -30.83
CA ILE B 94 4.52 11.80 -30.55
C ILE B 94 4.20 11.78 -29.03
N ALA B 95 4.35 10.60 -28.43
CA ALA B 95 4.09 10.44 -27.01
C ALA B 95 4.93 11.35 -26.15
N ASN B 96 6.23 11.42 -26.42
CA ASN B 96 7.16 12.15 -25.54
C ASN B 96 7.19 13.65 -25.75
N SER B 97 6.29 14.13 -26.60
CA SER B 97 6.28 15.54 -27.01
C SER B 97 5.47 16.43 -26.07
N ASP B 98 5.62 17.73 -26.27
CA ASP B 98 4.95 18.68 -25.39
C ASP B 98 3.45 18.51 -25.57
N LYS B 99 3.04 18.12 -26.75
CA LYS B 99 1.61 18.01 -27.04
C LYS B 99 0.93 16.85 -26.25
N TYR B 100 1.66 15.75 -26.06
CA TYR B 100 1.01 14.55 -25.61
C TYR B 100 1.57 14.02 -24.31
N CYS B 101 2.63 14.64 -23.81
CA CYS B 101 3.33 14.06 -22.68
C CYS B 101 2.66 14.32 -21.31
N THR B 102 3.06 13.51 -20.35
CA THR B 102 2.52 13.55 -19.03
C THR B 102 2.59 14.97 -18.44
N PRO B 103 1.47 15.51 -17.95
CA PRO B 103 1.56 16.81 -17.30
C PRO B 103 2.43 16.73 -16.05
N ARG B 104 2.87 17.85 -15.50
CA ARG B 104 3.67 17.80 -14.27
C ARG B 104 2.74 17.47 -13.10
N TYR B 105 3.29 16.96 -12.00
CA TYR B 105 2.47 16.47 -10.86
C TYR B 105 3.33 15.88 -9.73
N SER B 106 2.81 15.87 -8.50
CA SER B 106 3.51 15.20 -7.38
C SER B 106 3.01 13.77 -7.05
N GLU B 107 1.83 13.65 -6.45
CA GLU B 107 1.35 12.35 -5.99
C GLU B 107 0.40 11.74 -6.99
N PHE B 108 0.35 10.42 -7.07
CA PHE B 108 -0.60 9.77 -7.97
C PHE B 108 -1.99 10.42 -7.97
N GLU B 109 -2.54 10.77 -6.81
CA GLU B 109 -3.91 11.33 -6.81
C GLU B 109 -4.00 12.58 -7.67
N GLU B 110 -2.92 13.32 -7.74
CA GLU B 110 -3.04 14.56 -8.45
C GLU B 110 -3.20 14.19 -9.92
N LEU B 111 -2.35 13.28 -10.37
CA LEU B 111 -2.33 12.84 -11.77
C LEU B 111 -3.62 12.15 -12.16
N GLU B 112 -4.15 11.37 -11.23
CA GLU B 112 -5.42 10.74 -11.42
C GLU B 112 -6.51 11.78 -11.58
N ARG B 113 -6.44 12.85 -10.80
CA ARG B 113 -7.46 13.90 -10.94
C ARG B 113 -7.36 14.54 -12.32
N LYS B 114 -6.12 14.66 -12.81
CA LYS B 114 -5.86 15.31 -14.09
C LYS B 114 -6.44 14.47 -15.19
N TYR B 115 -6.25 13.16 -15.07
CA TYR B 115 -6.84 12.28 -16.03
C TYR B 115 -8.36 12.44 -16.17
N TRP B 116 -9.12 12.44 -15.06
CA TRP B 116 -10.58 12.50 -15.11
C TRP B 116 -11.09 13.87 -15.50
N LYS B 117 -10.39 14.90 -15.08
CA LYS B 117 -10.73 16.22 -15.53
C LYS B 117 -10.46 16.46 -17.03
N ASN B 118 -9.52 15.74 -17.62
CA ASN B 118 -9.15 16.04 -18.99
C ASN B 118 -9.39 14.95 -20.04
N LEU B 119 -10.04 13.84 -19.72
CA LEU B 119 -9.97 12.77 -20.71
C LEU B 119 -10.79 13.04 -21.98
N THR B 120 -11.62 14.06 -21.98
CA THR B 120 -12.33 14.37 -23.22
C THR B 120 -11.58 15.41 -24.04
N PHE B 121 -10.42 15.86 -23.55
CA PHE B 121 -9.63 16.87 -24.32
C PHE B 121 -8.47 16.19 -24.98
N ASN B 122 -8.07 16.71 -26.12
CA ASN B 122 -6.73 16.39 -26.59
C ASN B 122 -6.60 14.90 -26.73
N PRO B 123 -7.41 14.31 -27.57
CA PRO B 123 -7.47 12.85 -27.64
C PRO B 123 -6.11 12.22 -27.97
N PRO B 124 -5.64 11.28 -27.15
CA PRO B 124 -4.30 10.70 -27.34
C PRO B 124 -4.35 9.56 -28.36
N ILE B 125 -3.23 8.93 -28.65
CA ILE B 125 -3.23 7.82 -29.59
C ILE B 125 -2.68 6.63 -28.86
N TYR B 126 -3.25 5.45 -29.08
CA TYR B 126 -2.92 4.21 -28.33
C TYR B 126 -2.52 3.14 -29.33
N GLY B 127 -1.31 2.63 -29.20
CA GLY B 127 -0.84 1.60 -30.14
C GLY B 127 -1.25 0.24 -29.61
N ALA B 128 -2.53 -0.04 -29.75
CA ALA B 128 -3.19 -1.19 -29.14
C ALA B 128 -3.23 -2.46 -30.03
N ASP B 129 -3.42 -3.62 -29.42
CA ASP B 129 -3.74 -4.82 -30.19
C ASP B 129 -2.73 -5.13 -31.25
N VAL B 130 -1.45 -5.01 -30.94
CA VAL B 130 -0.39 -5.36 -31.90
C VAL B 130 -0.04 -6.82 -31.69
N ASN B 131 -0.27 -7.68 -32.68
CA ASN B 131 0.17 -9.09 -32.49
C ASN B 131 1.66 -9.09 -32.26
N GLY B 132 2.12 -9.82 -31.25
CA GLY B 132 3.54 -9.97 -31.01
C GLY B 132 3.89 -10.18 -29.55
N THR B 133 5.10 -10.63 -29.30
CA THR B 133 5.59 -10.80 -27.95
C THR B 133 6.92 -10.08 -27.95
N LEU B 134 7.32 -9.58 -26.79
CA LEU B 134 8.66 -9.04 -26.64
C LEU B 134 9.58 -9.98 -25.84
N TYR B 135 9.14 -11.21 -25.61
CA TYR B 135 10.00 -12.15 -24.90
C TYR B 135 11.00 -12.79 -25.83
N GLU B 136 12.24 -12.96 -25.34
CA GLU B 136 13.24 -13.78 -25.99
C GLU B 136 12.70 -15.19 -25.91
N LYS B 137 12.98 -15.97 -26.95
CA LYS B 137 12.39 -17.29 -27.11
C LYS B 137 12.78 -18.24 -26.01
N HIS B 138 13.89 -17.98 -25.33
CA HIS B 138 14.35 -18.96 -24.34
C HIS B 138 13.98 -18.63 -22.90
N VAL B 139 12.99 -17.77 -22.72
CA VAL B 139 12.51 -17.49 -21.40
C VAL B 139 11.35 -18.42 -21.17
N ASP B 140 11.46 -19.30 -20.17
CA ASP B 140 10.41 -20.31 -19.92
C ASP B 140 9.40 -20.00 -18.82
N GLU B 141 9.71 -19.01 -17.99
CA GLU B 141 8.86 -18.68 -16.84
C GLU B 141 7.92 -17.55 -17.23
N TRP B 142 6.63 -17.79 -17.14
CA TRP B 142 5.66 -16.74 -17.35
C TRP B 142 5.74 -16.14 -18.75
N ASN B 143 5.89 -17.00 -19.75
CA ASN B 143 6.00 -16.53 -21.12
C ASN B 143 4.62 -16.35 -21.68
N ILE B 144 4.28 -15.09 -21.89
CA ILE B 144 2.91 -14.73 -22.17
C ILE B 144 2.45 -15.40 -23.41
N GLY B 145 3.43 -15.77 -24.25
CA GLY B 145 3.15 -16.33 -25.56
C GLY B 145 2.87 -17.81 -25.53
N ARG B 146 3.19 -18.46 -24.41
CA ARG B 146 3.12 -19.92 -24.31
C ARG B 146 3.07 -20.41 -22.81
N LEU B 147 1.96 -20.12 -22.15
CA LEU B 147 1.79 -20.39 -20.72
C LEU B 147 1.32 -21.81 -20.46
N ARG B 148 0.87 -22.48 -21.52
CA ARG B 148 0.24 -23.81 -21.42
C ARG B 148 -0.64 -23.94 -20.17
N THR B 149 -1.84 -23.37 -20.25
CA THR B 149 -2.90 -23.52 -19.28
C THR B 149 -3.92 -24.30 -20.09
N ILE B 150 -4.95 -24.83 -19.46
CA ILE B 150 -5.91 -25.67 -20.19
C ILE B 150 -6.65 -24.85 -21.23
N LEU B 151 -6.17 -23.65 -21.50
CA LEU B 151 -6.86 -22.82 -22.45
C LEU B 151 -6.42 -23.24 -23.84
N ASP B 152 -5.15 -23.57 -23.97
CA ASP B 152 -4.64 -24.26 -25.17
C ASP B 152 -5.58 -25.27 -25.81
N LEU B 153 -6.31 -25.99 -24.99
CA LEU B 153 -7.26 -26.95 -25.47
C LEU B 153 -8.18 -26.34 -26.51
N VAL B 154 -8.07 -25.05 -26.73
CA VAL B 154 -8.93 -24.42 -27.71
C VAL B 154 -8.37 -24.50 -29.11
N GLU B 155 -7.06 -24.59 -29.22
CA GLU B 155 -6.49 -24.74 -30.56
C GLU B 155 -6.07 -26.18 -30.71
N LYS B 156 -5.07 -26.59 -29.93
CA LYS B 156 -4.55 -27.96 -29.94
C LYS B 156 -5.60 -28.98 -30.35
N GLU B 157 -6.87 -28.69 -30.03
CA GLU B 157 -7.99 -29.58 -30.35
C GLU B 157 -9.05 -28.94 -31.28
N SER B 158 -8.78 -27.76 -31.82
CA SER B 158 -9.70 -27.18 -32.79
C SER B 158 -8.99 -26.40 -33.90
N GLY B 159 -7.70 -26.16 -33.71
CA GLY B 159 -6.90 -25.46 -34.70
C GLY B 159 -7.08 -23.95 -34.63
N ILE B 160 -8.30 -23.52 -34.32
CA ILE B 160 -8.67 -22.11 -34.33
C ILE B 160 -7.83 -21.25 -33.38
N THR B 161 -7.12 -20.29 -33.95
CA THR B 161 -6.31 -19.35 -33.16
C THR B 161 -7.09 -18.05 -32.98
N ILE B 162 -7.21 -17.57 -31.75
CA ILE B 162 -7.89 -16.31 -31.51
C ILE B 162 -6.87 -15.28 -31.06
N GLU B 163 -6.50 -14.42 -31.99
CA GLU B 163 -5.51 -13.38 -31.78
C GLU B 163 -5.74 -12.55 -30.54
N GLY B 164 -4.73 -12.41 -29.67
CA GLY B 164 -4.86 -11.64 -28.41
C GLY B 164 -5.46 -12.48 -27.28
N VAL B 165 -6.07 -13.61 -27.66
CA VAL B 165 -6.80 -14.45 -26.71
C VAL B 165 -5.96 -15.63 -26.27
N ASN B 166 -5.73 -16.58 -27.17
CA ASN B 166 -4.60 -17.48 -26.97
C ASN B 166 -3.35 -17.00 -27.72
N THR B 167 -3.29 -15.76 -28.20
CA THR B 167 -1.98 -15.24 -28.70
C THR B 167 -1.73 -13.93 -27.99
N PRO B 168 -0.44 -13.53 -27.88
CA PRO B 168 -0.11 -12.29 -27.16
C PRO B 168 -0.31 -11.01 -27.96
N TYR B 169 -0.60 -9.93 -27.27
CA TYR B 169 -0.85 -8.62 -27.86
C TYR B 169 0.04 -7.60 -27.15
N LEU B 170 0.49 -6.58 -27.87
CA LEU B 170 1.22 -5.45 -27.29
C LEU B 170 0.41 -4.18 -27.27
N TYR B 171 0.65 -3.36 -26.26
CA TYR B 171 -0.07 -2.14 -26.09
C TYR B 171 1.00 -1.11 -25.82
N PHE B 172 1.25 -0.23 -26.80
CA PHE B 172 2.11 0.94 -26.64
C PHE B 172 1.28 2.14 -26.18
N GLY B 173 1.38 2.51 -24.90
CA GLY B 173 0.67 3.67 -24.36
C GLY B 173 1.41 5.01 -24.36
N MET B 174 0.64 6.06 -24.19
CA MET B 174 1.14 7.40 -23.89
C MET B 174 0.17 7.98 -22.87
N TRP B 175 0.46 9.17 -22.39
CA TRP B 175 -0.31 9.79 -21.31
C TRP B 175 -1.81 9.77 -21.67
N LYS B 176 -2.61 9.24 -20.73
CA LYS B 176 -4.03 9.38 -20.80
C LYS B 176 -4.72 8.43 -21.81
N THR B 177 -4.00 7.50 -22.37
CA THR B 177 -4.69 6.50 -23.11
C THR B 177 -5.44 5.60 -22.10
N SER B 178 -6.65 5.20 -22.45
CA SER B 178 -7.56 4.49 -21.57
C SER B 178 -7.85 3.06 -21.97
N PHE B 179 -8.09 2.23 -20.97
CA PHE B 179 -8.83 1.02 -21.25
C PHE B 179 -10.20 1.04 -20.51
N ALA B 180 -11.27 0.81 -21.26
CA ALA B 180 -12.62 0.94 -20.76
C ALA B 180 -13.01 -0.22 -19.83
N TRP B 181 -14.09 -0.06 -19.08
CA TRP B 181 -14.58 -1.09 -18.16
C TRP B 181 -15.03 -2.34 -18.88
N HIS B 182 -14.37 -3.44 -18.57
CA HIS B 182 -14.67 -4.73 -19.13
C HIS B 182 -14.19 -5.91 -18.29
N THR B 183 -14.79 -7.07 -18.52
CA THR B 183 -14.24 -8.36 -18.10
C THR B 183 -13.64 -8.99 -19.36
N GLU B 184 -12.78 -9.98 -19.20
CA GLU B 184 -12.20 -10.62 -20.37
C GLU B 184 -13.28 -11.26 -21.17
N ASP B 185 -13.05 -11.48 -22.45
CA ASP B 185 -13.98 -12.28 -23.21
C ASP B 185 -14.20 -13.67 -22.54
N MET B 186 -15.41 -14.23 -22.65
CA MET B 186 -15.73 -15.51 -22.00
C MET B 186 -15.33 -15.49 -20.52
N ASP B 187 -15.19 -14.28 -20.01
CA ASP B 187 -14.86 -14.05 -18.62
C ASP B 187 -13.64 -14.82 -18.23
N LEU B 188 -12.65 -14.86 -19.12
CA LEU B 188 -11.37 -15.51 -18.87
C LEU B 188 -10.48 -14.78 -17.89
N TYR B 189 -9.33 -15.36 -17.54
CA TYR B 189 -8.32 -14.54 -16.88
C TYR B 189 -7.57 -13.77 -17.94
N SER B 190 -6.86 -12.73 -17.52
CA SER B 190 -5.81 -12.22 -18.36
C SER B 190 -4.59 -12.01 -17.50
N ILE B 191 -3.44 -11.91 -18.17
CA ILE B 191 -2.18 -11.53 -17.55
C ILE B 191 -1.70 -10.29 -18.31
N ASN B 192 -0.90 -9.45 -17.69
CA ASN B 192 -0.48 -8.24 -18.37
C ASN B 192 0.87 -7.91 -17.77
N TYR B 193 1.90 -7.88 -18.60
CA TYR B 193 3.21 -7.52 -18.10
C TYR B 193 3.55 -6.16 -18.67
N LEU B 194 4.07 -5.27 -17.85
CA LEU B 194 4.47 -3.96 -18.35
C LEU B 194 5.98 -4.03 -18.63
N HIS B 195 6.36 -4.06 -19.92
CA HIS B 195 7.79 -4.20 -20.28
C HIS B 195 8.65 -3.00 -19.89
N PHE B 196 8.19 -1.79 -20.16
CA PHE B 196 9.03 -0.63 -19.84
C PHE B 196 8.16 0.58 -19.91
N GLY B 197 8.62 1.71 -19.38
CA GLY B 197 7.89 2.95 -19.55
C GLY B 197 7.32 3.44 -18.26
N GLU B 198 6.46 4.47 -18.40
CA GLU B 198 5.66 5.03 -17.33
C GLU B 198 4.55 4.10 -16.86
N PRO B 199 4.09 4.27 -15.60
CA PRO B 199 3.13 3.32 -15.03
C PRO B 199 1.82 3.17 -15.79
N LYS B 200 1.09 2.10 -15.44
CA LYS B 200 -0.25 1.80 -15.88
C LYS B 200 -1.11 1.73 -14.60
N SER B 201 -2.22 2.45 -14.53
CA SER B 201 -3.05 2.45 -13.34
C SER B 201 -4.37 1.74 -13.60
N TRP B 202 -4.86 1.08 -12.56
CA TRP B 202 -5.97 0.17 -12.73
C TRP B 202 -7.06 0.41 -11.71
N TYR B 203 -8.29 0.14 -12.11
CA TYR B 203 -9.43 0.07 -11.19
C TYR B 203 -10.06 -1.31 -11.26
N SER B 204 -10.71 -1.73 -10.20
CA SER B 204 -11.16 -3.11 -10.23
C SER B 204 -12.31 -3.29 -9.32
N VAL B 205 -13.32 -4.02 -9.78
CA VAL B 205 -14.49 -4.33 -8.97
C VAL B 205 -14.54 -5.81 -8.64
N PRO B 206 -14.68 -6.17 -7.36
CA PRO B 206 -14.81 -7.60 -6.95
C PRO B 206 -15.79 -8.41 -7.78
N PRO B 207 -15.30 -9.49 -8.41
CA PRO B 207 -16.22 -10.36 -9.10
C PRO B 207 -17.50 -10.58 -8.31
N GLU B 208 -17.41 -10.72 -6.99
CA GLU B 208 -18.66 -10.87 -6.20
C GLU B 208 -19.62 -9.67 -6.24
N HIS B 209 -19.22 -8.53 -6.83
CA HIS B 209 -20.14 -7.39 -6.90
C HIS B 209 -20.22 -6.89 -8.30
N GLY B 210 -19.55 -7.61 -9.19
CA GLY B 210 -19.71 -7.42 -10.61
C GLY B 210 -21.09 -7.13 -11.17
N LYS B 211 -22.12 -7.82 -10.70
CA LYS B 211 -23.50 -7.58 -11.19
C LYS B 211 -23.93 -6.14 -11.00
N ARG B 212 -23.47 -5.54 -9.90
CA ARG B 212 -23.86 -4.18 -9.54
C ARG B 212 -23.26 -3.16 -10.52
N LEU B 213 -22.02 -3.37 -10.92
CA LEU B 213 -21.45 -2.52 -11.93
C LEU B 213 -22.33 -2.62 -13.17
N GLU B 214 -22.81 -3.84 -13.49
CA GLU B 214 -23.66 -3.97 -14.69
C GLU B 214 -24.98 -3.28 -14.47
N ARG B 215 -25.59 -3.50 -13.32
CA ARG B 215 -26.86 -2.82 -13.15
C ARG B 215 -26.70 -1.30 -13.30
N LEU B 216 -25.69 -0.72 -12.65
CA LEU B 216 -25.36 0.70 -12.88
C LEU B 216 -25.15 1.10 -14.34
N ALA B 217 -24.21 0.47 -15.03
CA ALA B 217 -23.96 0.88 -16.42
C ALA B 217 -25.26 0.90 -17.22
N LYS B 218 -26.07 -0.13 -17.05
CA LYS B 218 -27.32 -0.23 -17.80
C LYS B 218 -28.16 1.01 -17.47
N GLY B 219 -28.10 1.42 -16.20
CA GLY B 219 -28.78 2.64 -15.80
C GLY B 219 -28.34 3.81 -16.64
N PHE B 220 -27.04 3.99 -16.83
CA PHE B 220 -26.61 5.19 -17.52
C PHE B 220 -26.63 5.10 -19.01
N PHE B 221 -26.53 3.89 -19.55
CA PHE B 221 -26.51 3.76 -20.98
C PHE B 221 -27.65 2.88 -21.45
N PRO B 222 -28.88 3.30 -21.08
CA PRO B 222 -30.08 2.53 -21.37
C PRO B 222 -30.15 2.25 -22.86
N GLY B 223 -29.92 3.30 -23.66
CA GLY B 223 -29.76 3.14 -25.10
C GLY B 223 -28.82 1.97 -25.42
N SER B 224 -27.62 2.00 -24.84
CA SER B 224 -26.65 0.98 -25.19
C SER B 224 -27.15 -0.37 -24.76
N ALA B 225 -27.62 -0.47 -23.52
CA ALA B 225 -28.12 -1.74 -22.99
C ALA B 225 -29.21 -2.35 -23.88
N GLN B 226 -30.17 -1.52 -24.27
CA GLN B 226 -31.22 -1.97 -25.19
C GLN B 226 -30.69 -2.64 -26.49
N SER B 227 -29.51 -2.27 -26.98
CA SER B 227 -29.07 -2.86 -28.25
C SER B 227 -28.09 -4.00 -28.04
N CYS B 228 -27.69 -4.16 -26.80
CA CYS B 228 -26.78 -5.22 -26.53
C CYS B 228 -26.85 -5.50 -25.05
N GLU B 229 -27.26 -6.71 -24.68
CA GLU B 229 -27.19 -7.12 -23.28
C GLU B 229 -25.78 -6.80 -22.76
N ALA B 230 -24.75 -7.35 -23.42
CA ALA B 230 -23.36 -7.15 -23.02
C ALA B 230 -22.62 -5.92 -23.60
N PHE B 231 -23.28 -4.79 -23.78
CA PHE B 231 -22.58 -3.65 -24.40
C PHE B 231 -21.22 -3.28 -23.80
N LEU B 232 -21.01 -3.60 -22.54
CA LEU B 232 -19.74 -3.33 -21.91
C LEU B 232 -18.63 -4.11 -22.58
N ARG B 233 -18.92 -5.22 -23.23
CA ARG B 233 -17.84 -5.90 -23.94
C ARG B 233 -17.37 -5.09 -25.18
N HIS B 234 -18.14 -4.09 -25.58
CA HIS B 234 -17.65 -3.22 -26.66
C HIS B 234 -16.38 -2.42 -26.23
N LYS B 235 -16.14 -2.38 -24.93
CA LYS B 235 -15.00 -1.67 -24.38
C LYS B 235 -14.97 -0.19 -24.77
N MET B 236 -16.11 0.48 -24.64
CA MET B 236 -16.24 1.88 -24.97
C MET B 236 -16.70 2.74 -23.77
N THR B 237 -16.91 2.10 -22.62
CA THR B 237 -17.59 2.81 -21.55
C THR B 237 -16.62 3.14 -20.44
N LEU B 238 -16.58 4.43 -20.06
CA LEU B 238 -15.68 4.89 -19.00
C LEU B 238 -16.51 5.48 -17.89
N ILE B 239 -16.08 5.26 -16.66
CA ILE B 239 -16.92 5.62 -15.51
C ILE B 239 -16.00 5.93 -14.37
N SER B 240 -16.09 7.12 -13.81
CA SER B 240 -15.08 7.59 -12.84
C SER B 240 -15.22 6.90 -11.50
N PRO B 241 -14.14 6.86 -10.72
CA PRO B 241 -14.24 6.37 -9.37
C PRO B 241 -15.25 7.17 -8.56
N LEU B 242 -15.46 8.44 -8.85
CA LEU B 242 -16.36 9.21 -8.01
C LEU B 242 -17.76 8.70 -8.23
N MET B 243 -18.07 8.29 -9.45
CA MET B 243 -19.39 7.73 -9.71
C MET B 243 -19.58 6.35 -9.11
N LEU B 244 -18.53 5.53 -9.13
CA LEU B 244 -18.55 4.24 -8.44
C LEU B 244 -18.81 4.44 -6.95
N LYS B 245 -18.06 5.35 -6.34
CA LYS B 245 -18.24 5.57 -4.91
C LYS B 245 -19.68 6.02 -4.66
N LYS B 246 -20.10 7.03 -5.39
CA LYS B 246 -21.44 7.59 -5.21
C LYS B 246 -22.55 6.58 -5.34
N TYR B 247 -22.38 5.51 -6.11
CA TYR B 247 -23.47 4.55 -6.26
C TYR B 247 -23.27 3.30 -5.44
N GLY B 248 -22.28 3.35 -4.54
CA GLY B 248 -21.98 2.23 -3.69
C GLY B 248 -21.46 0.98 -4.39
N ILE B 249 -20.82 1.14 -5.55
CA ILE B 249 -20.09 0.02 -6.15
C ILE B 249 -18.74 -0.03 -5.51
N PRO B 250 -18.38 -1.17 -4.88
CA PRO B 250 -17.02 -1.27 -4.28
C PRO B 250 -16.00 -1.51 -5.35
N PHE B 251 -14.77 -1.13 -5.02
CA PHE B 251 -13.72 -1.18 -6.01
C PHE B 251 -12.45 -0.84 -5.36
N ASP B 252 -11.34 -1.14 -6.01
CA ASP B 252 -10.05 -0.81 -5.49
C ASP B 252 -9.26 -0.22 -6.64
N LYS B 253 -8.08 0.33 -6.34
CA LYS B 253 -7.17 0.84 -7.36
C LYS B 253 -5.73 0.44 -7.14
N VAL B 254 -4.94 0.34 -8.20
CA VAL B 254 -3.55 -0.01 -8.01
C VAL B 254 -2.79 0.49 -9.22
N THR B 255 -1.55 0.84 -9.00
CA THR B 255 -0.69 1.29 -10.07
C THR B 255 0.39 0.22 -10.41
N GLN B 256 0.55 -0.07 -11.70
CA GLN B 256 1.48 -1.11 -12.12
C GLN B 256 2.75 -0.44 -12.61
N GLU B 257 3.93 -0.95 -12.22
CA GLU B 257 5.23 -0.32 -12.70
C GLU B 257 5.95 -1.22 -13.68
N ALA B 258 6.91 -0.63 -14.38
CA ALA B 258 7.75 -1.38 -15.32
C ALA B 258 8.26 -2.59 -14.60
N GLY B 259 8.12 -3.77 -15.22
CA GLY B 259 8.60 -4.99 -14.62
C GLY B 259 7.60 -5.74 -13.77
N GLU B 260 6.34 -5.32 -13.75
CA GLU B 260 5.37 -6.00 -12.87
C GLU B 260 4.27 -6.66 -13.68
N PHE B 261 3.76 -7.80 -13.18
CA PHE B 261 2.59 -8.44 -13.76
C PHE B 261 1.31 -8.06 -13.03
N MET B 262 0.26 -7.84 -13.80
CA MET B 262 -1.09 -7.85 -13.25
C MET B 262 -1.82 -9.09 -13.80
N ILE B 263 -2.68 -9.67 -12.97
CA ILE B 263 -3.52 -10.79 -13.31
C ILE B 263 -4.92 -10.30 -13.03
N THR B 264 -5.81 -10.45 -14.00
CA THR B 264 -7.22 -10.25 -13.70
C THR B 264 -7.93 -11.63 -13.67
N PHE B 265 -9.00 -11.73 -12.88
CA PHE B 265 -9.64 -13.01 -12.64
C PHE B 265 -11.03 -13.08 -13.28
N PRO B 266 -11.54 -14.29 -13.48
CA PRO B 266 -12.80 -14.38 -14.13
C PRO B 266 -13.87 -13.47 -13.53
N TYR B 267 -14.48 -12.69 -14.41
CA TYR B 267 -15.57 -11.80 -14.07
C TYR B 267 -15.14 -10.62 -13.22
N GLY B 268 -13.85 -10.33 -13.22
CA GLY B 268 -13.35 -9.12 -12.56
C GLY B 268 -13.44 -7.94 -13.52
N TYR B 269 -14.33 -6.98 -13.27
CA TYR B 269 -14.39 -5.78 -14.12
C TYR B 269 -13.19 -4.90 -13.82
N HIS B 270 -12.54 -4.38 -14.87
CA HIS B 270 -11.37 -3.57 -14.67
C HIS B 270 -11.33 -2.49 -15.75
N ALA B 271 -10.67 -1.38 -15.42
CA ALA B 271 -10.47 -0.21 -16.29
C ALA B 271 -9.24 0.54 -15.81
N GLY B 272 -8.75 1.50 -16.60
CA GLY B 272 -7.59 2.31 -16.16
C GLY B 272 -6.98 3.14 -17.28
N PHE B 273 -5.73 3.59 -17.08
CA PHE B 273 -5.11 4.49 -18.05
C PHE B 273 -3.60 4.50 -17.88
N ASN B 274 -2.89 4.88 -18.92
CA ASN B 274 -1.43 4.91 -18.84
C ASN B 274 -0.94 6.29 -18.48
N HIS B 275 0.19 6.35 -17.76
CA HIS B 275 0.70 7.62 -17.25
C HIS B 275 1.54 8.29 -18.32
N GLY B 276 2.07 7.51 -19.26
CA GLY B 276 2.98 8.04 -20.24
C GLY B 276 3.51 6.93 -21.12
N PHE B 277 4.56 7.20 -21.88
CA PHE B 277 5.03 6.22 -22.83
C PHE B 277 5.37 4.94 -22.08
N ASN B 278 4.83 3.82 -22.56
CA ASN B 278 5.09 2.51 -21.98
C ASN B 278 4.63 1.40 -22.92
N CYS B 279 4.93 0.15 -22.56
CA CYS B 279 4.57 -0.97 -23.41
C CYS B 279 4.19 -2.16 -22.59
N ALA B 280 3.06 -2.76 -22.90
CA ALA B 280 2.52 -3.84 -22.06
C ALA B 280 2.20 -4.99 -22.95
N GLU B 281 2.45 -6.20 -22.47
CA GLU B 281 2.15 -7.37 -23.25
C GLU B 281 1.04 -8.15 -22.56
N SER B 282 0.20 -8.83 -23.33
CA SER B 282 -1.05 -9.27 -22.72
C SER B 282 -1.62 -10.46 -23.44
N THR B 283 -2.24 -11.36 -22.70
CA THR B 283 -3.04 -12.47 -23.29
C THR B 283 -4.03 -13.06 -22.28
N ASN B 284 -4.89 -13.97 -22.71
CA ASN B 284 -5.85 -14.57 -21.81
C ASN B 284 -5.35 -15.92 -21.39
N PHE B 285 -5.89 -16.47 -20.32
CA PHE B 285 -5.52 -17.83 -19.91
C PHE B 285 -6.59 -18.36 -19.00
N ALA B 286 -6.44 -19.61 -18.57
CA ALA B 286 -7.51 -20.29 -17.83
C ALA B 286 -7.04 -21.25 -16.74
N THR B 287 -7.97 -21.63 -15.88
CA THR B 287 -7.73 -22.68 -14.88
C THR B 287 -9.01 -23.52 -14.81
N ARG B 288 -9.02 -24.56 -14.01
CA ARG B 288 -10.24 -25.36 -13.91
C ARG B 288 -11.45 -24.52 -13.45
N ARG B 289 -11.17 -23.49 -12.64
CA ARG B 289 -12.25 -22.72 -12.03
C ARG B 289 -12.96 -21.86 -13.10
N TRP B 290 -12.24 -21.50 -14.16
CA TRP B 290 -12.85 -20.70 -15.22
C TRP B 290 -13.98 -21.40 -15.99
N ILE B 291 -13.86 -22.71 -16.15
CA ILE B 291 -14.82 -23.42 -16.99
C ILE B 291 -16.27 -22.98 -16.70
N GLU B 292 -16.64 -22.95 -15.43
CA GLU B 292 -18.01 -22.62 -15.12
C GLU B 292 -18.33 -21.15 -15.47
N TYR B 293 -17.32 -20.28 -15.42
CA TYR B 293 -17.50 -18.88 -15.91
C TYR B 293 -17.71 -18.88 -17.43
N GLY B 294 -16.81 -19.58 -18.11
CA GLY B 294 -16.98 -19.92 -19.51
C GLY B 294 -18.42 -20.22 -19.87
N LYS B 295 -19.04 -21.16 -19.16
CA LYS B 295 -20.36 -21.69 -19.55
C LYS B 295 -21.46 -20.65 -19.39
N GLN B 296 -21.33 -19.83 -18.38
CA GLN B 296 -22.36 -18.88 -18.02
C GLN B 296 -22.15 -17.45 -18.57
N ALA B 297 -20.99 -17.17 -19.18
CA ALA B 297 -20.67 -15.81 -19.64
C ALA B 297 -21.81 -15.18 -20.45
N VAL B 298 -22.23 -13.97 -20.10
CA VAL B 298 -23.16 -13.28 -21.01
C VAL B 298 -22.37 -12.67 -22.14
N LEU B 299 -22.84 -12.91 -23.35
CA LEU B 299 -22.07 -12.59 -24.54
C LEU B 299 -22.67 -11.43 -25.34
N CYS B 300 -21.80 -10.73 -26.04
CA CYS B 300 -22.26 -9.71 -26.95
C CYS B 300 -23.16 -10.32 -28.08
N SER B 301 -24.40 -9.83 -28.18
CA SER B 301 -25.30 -10.32 -29.21
C SER B 301 -25.07 -9.68 -30.59
N CYS B 302 -24.61 -8.43 -30.60
CA CYS B 302 -24.79 -7.50 -31.72
C CYS B 302 -23.70 -7.37 -32.78
N ARG B 303 -22.57 -8.04 -32.65
CA ARG B 303 -21.51 -7.78 -33.63
C ARG B 303 -21.30 -8.82 -34.71
N LYS B 304 -20.51 -8.43 -35.70
CA LYS B 304 -20.12 -9.35 -36.77
C LYS B 304 -19.01 -10.25 -36.25
N ASP B 305 -19.26 -10.81 -35.07
CA ASP B 305 -18.44 -11.91 -34.58
C ASP B 305 -17.42 -11.52 -33.53
N MET B 306 -17.92 -11.17 -32.37
CA MET B 306 -17.11 -11.01 -31.21
C MET B 306 -16.45 -12.36 -30.87
N VAL B 307 -15.50 -12.35 -29.94
CA VAL B 307 -14.82 -13.58 -29.57
C VAL B 307 -15.81 -14.56 -28.93
N LYS B 308 -15.88 -15.78 -29.43
CA LYS B 308 -16.80 -16.77 -28.86
C LYS B 308 -16.14 -18.13 -28.85
N ILE B 309 -16.03 -18.72 -27.67
CA ILE B 309 -15.39 -20.03 -27.57
C ILE B 309 -16.42 -21.08 -27.26
N SER B 310 -16.39 -22.17 -28.00
CA SER B 310 -17.31 -23.26 -27.72
C SER B 310 -16.83 -24.00 -26.46
N MET B 311 -17.73 -24.25 -25.51
CA MET B 311 -17.34 -24.76 -24.20
C MET B 311 -17.30 -26.29 -24.18
N ASP B 312 -18.11 -26.86 -25.04
CA ASP B 312 -18.19 -28.30 -25.25
C ASP B 312 -16.89 -29.07 -24.90
N VAL B 313 -15.76 -28.64 -25.44
CA VAL B 313 -14.57 -29.44 -25.21
C VAL B 313 -14.11 -29.43 -23.74
N PHE B 314 -14.40 -28.32 -23.05
CA PHE B 314 -14.00 -28.18 -21.64
C PHE B 314 -14.91 -28.95 -20.71
N VAL B 315 -16.21 -28.94 -21.00
CA VAL B 315 -17.14 -29.75 -20.21
C VAL B 315 -16.88 -31.24 -20.42
N ARG B 316 -16.89 -31.69 -21.67
CA ARG B 316 -16.59 -33.08 -21.99
C ARG B 316 -15.35 -33.59 -21.26
N LYS B 317 -14.25 -32.84 -21.31
CA LYS B 317 -13.04 -33.27 -20.59
C LYS B 317 -13.02 -33.17 -19.04
N PHE B 318 -13.54 -32.11 -18.44
CA PHE B 318 -13.34 -31.88 -17.00
C PHE B 318 -14.58 -32.06 -16.20
N GLN B 319 -15.72 -32.10 -16.86
CA GLN B 319 -16.97 -32.33 -16.16
C GLN B 319 -17.82 -33.39 -16.84
N PRO B 320 -17.20 -34.52 -17.18
CA PRO B 320 -17.93 -35.61 -17.83
C PRO B 320 -19.25 -35.93 -17.17
N GLU B 321 -19.33 -35.87 -15.85
CA GLU B 321 -20.56 -36.27 -15.20
C GLU B 321 -21.64 -35.25 -15.44
N ARG B 322 -21.29 -34.05 -15.89
CA ARG B 322 -22.32 -33.05 -16.13
C ARG B 322 -22.67 -32.89 -17.58
N TYR B 323 -21.80 -33.44 -18.43
CA TYR B 323 -21.86 -33.18 -19.87
C TYR B 323 -23.22 -33.47 -20.56
N LYS B 324 -23.87 -34.55 -20.15
CA LYS B 324 -25.19 -34.89 -20.67
C LYS B 324 -26.19 -33.82 -20.24
N LEU B 325 -26.10 -33.45 -18.96
CA LEU B 325 -26.97 -32.43 -18.35
C LEU B 325 -26.76 -31.07 -19.04
N TRP B 326 -25.52 -30.59 -19.00
CA TRP B 326 -25.18 -29.36 -19.73
C TRP B 326 -25.71 -29.40 -21.15
N LYS B 327 -25.27 -30.42 -21.89
CA LYS B 327 -25.59 -30.52 -23.32
C LYS B 327 -27.06 -30.26 -23.56
N ALA B 328 -27.89 -30.73 -22.63
CA ALA B 328 -29.32 -30.67 -22.76
C ALA B 328 -29.79 -29.42 -22.03
N GLY B 329 -28.89 -28.43 -21.98
CA GLY B 329 -29.21 -27.11 -21.44
C GLY B 329 -29.78 -27.04 -20.02
N LYS B 330 -29.74 -28.14 -19.30
CA LYS B 330 -30.25 -28.14 -17.93
C LYS B 330 -29.13 -28.13 -16.89
N ASP B 331 -27.95 -27.58 -17.21
CA ASP B 331 -26.95 -27.39 -16.15
C ASP B 331 -27.21 -26.17 -15.23
N ASN B 332 -27.58 -26.49 -13.99
CA ASN B 332 -28.20 -25.54 -13.06
C ASN B 332 -27.23 -24.87 -12.09
N THR B 333 -25.95 -25.17 -12.23
CA THR B 333 -24.93 -24.67 -11.33
C THR B 333 -24.93 -23.16 -11.15
N VAL B 334 -24.56 -22.74 -9.95
CA VAL B 334 -24.48 -21.35 -9.55
C VAL B 334 -23.07 -21.11 -9.03
N ILE B 335 -22.44 -20.02 -9.44
CA ILE B 335 -21.03 -19.82 -9.11
C ILE B 335 -20.81 -19.11 -7.76
N ASP B 336 -19.87 -19.63 -6.96
CA ASP B 336 -19.48 -18.93 -5.74
C ASP B 336 -18.13 -18.20 -5.91
N HIS B 337 -18.20 -16.91 -6.22
CA HIS B 337 -17.02 -16.14 -6.57
C HIS B 337 -15.92 -16.15 -5.54
N THR B 338 -16.24 -16.55 -4.31
CA THR B 338 -15.24 -16.52 -3.22
C THR B 338 -14.33 -17.76 -3.25
N LEU B 339 -14.73 -18.77 -4.02
CA LEU B 339 -14.05 -20.07 -4.06
C LEU B 339 -12.78 -20.03 -4.90
N PRO B 340 -11.64 -20.41 -4.30
CA PRO B 340 -10.43 -20.61 -5.09
C PRO B 340 -10.57 -21.75 -6.11
N THR B 341 -9.62 -21.85 -7.04
CA THR B 341 -9.73 -22.91 -8.01
C THR B 341 -9.26 -24.18 -7.31
N PRO B 342 -9.83 -25.32 -7.69
CA PRO B 342 -9.51 -26.61 -7.03
C PRO B 342 -8.02 -26.90 -6.88
N GLU B 343 -7.22 -26.57 -7.93
CA GLU B 343 -5.74 -26.81 -7.92
C GLU B 343 -5.04 -26.15 -6.72
N ALA B 344 -5.80 -25.38 -5.96
CA ALA B 344 -5.27 -24.69 -4.81
C ALA B 344 -5.42 -25.53 -3.54
N ALA B 345 -6.29 -26.53 -3.61
CA ALA B 345 -6.53 -27.40 -2.46
C ALA B 345 -5.21 -27.82 -1.79
N GLU B 346 -4.24 -28.20 -2.60
CA GLU B 346 -2.88 -28.58 -2.13
C GLU B 346 -2.27 -27.58 -1.13
N PHE B 347 -2.72 -26.33 -1.17
CA PHE B 347 -2.26 -25.38 -0.19
C PHE B 347 -3.34 -25.30 0.87
NI NI C . 5.51 6.71 18.81
ZN ZN D . -11.15 6.01 19.99
CAD Y28 E . 1.19 0.41 26.26
CAF Y28 E . 0.68 1.23 27.29
CAH Y28 E . -0.30 2.20 27.04
CAG Y28 E . -0.78 2.37 25.74
CAE Y28 E . -0.27 1.56 24.71
CAB Y28 E . 0.71 0.57 24.96
CAC Y28 E . 1.21 -0.22 23.92
OH Y28 E . 1.50 0.44 22.65
CZ Y28 E . 2.63 1.28 22.71
CE2 Y28 E . 3.66 1.06 23.62
CD2 Y28 E . 4.78 1.91 23.65
CE1 Y28 E . 2.76 2.37 21.83
CD1 Y28 E . 3.89 3.21 21.85
CG Y28 E . 4.92 2.98 22.77
CB Y28 E . 6.19 3.89 22.81
CA Y28 E . 7.30 3.34 21.83
C Y28 E . 8.27 2.42 22.55
OXT Y28 E . 7.84 1.31 22.94
O Y28 E . 9.45 2.82 22.65
N Y28 E . 8.05 4.47 21.33
CAR Y28 E . 7.46 5.32 20.49
OAW Y28 E . 6.33 5.10 20.05
CAS Y28 E . 8.19 6.61 20.06
OAY Y28 E . 9.37 6.83 20.47
OAX Y28 E . 7.53 7.37 19.30
NI NI F . -8.73 -6.70 -19.75
ZN ZN G . -22.69 -6.06 -28.51
CAD Y28 H . -9.07 -0.41 -28.08
CAF Y28 H . -9.09 -1.23 -29.22
CAH Y28 H . -10.20 -2.03 -29.51
CAG Y28 H . -11.30 -2.00 -28.65
CAE Y28 H . -11.28 -1.17 -27.51
CAB Y28 H . -10.16 -0.38 -27.22
CAC Y28 H . -10.12 0.44 -26.08
OH Y28 H . -10.40 -0.12 -24.75
CZ Y28 H . -9.42 -1.01 -24.28
CE2 Y28 H . -8.08 -0.78 -24.56
CD2 Y28 H . -7.09 -1.65 -24.09
CE1 Y28 H . -9.73 -2.16 -23.52
CD1 Y28 H . -8.74 -3.04 -23.03
CG Y28 H . -7.39 -2.79 -23.33
CB Y28 H . -6.24 -3.70 -22.84
CA Y28 H . -5.65 -3.26 -21.45
C Y28 H . -4.52 -2.24 -21.56
OXT Y28 H . -4.75 -1.17 -22.13
O Y28 H . -3.42 -2.53 -21.08
N Y28 H . -5.22 -4.46 -20.72
CAR Y28 H . -6.17 -5.24 -20.21
OAW Y28 H . -7.36 -4.91 -20.27
CAS Y28 H . -5.77 -6.54 -19.44
OAY Y28 H . -4.54 -6.87 -19.34
OAX Y28 H . -6.72 -7.20 -18.93
#